data_7VZT
#
_entry.id   7VZT
#
_cell.length_a   150.605
_cell.length_b   150.605
_cell.length_c   121.320
_cell.angle_alpha   90.000
_cell.angle_beta   90.000
_cell.angle_gamma   120.000
#
_symmetry.space_group_name_H-M   'P 31 2 1'
#
loop_
_entity.id
_entity.type
_entity.pdbx_description
1 polymer 'Spike protein S1'
2 polymer GH12-Heavy
3 polymer GH12-LIGHT
4 branched 2-acetamido-2-deoxy-beta-D-glucopyranose-(1-4)-2-acetamido-2-deoxy-beta-D-glucopyranose
#
loop_
_entity_poly.entity_id
_entity_poly.type
_entity_poly.pdbx_seq_one_letter_code
_entity_poly.pdbx_strand_id
1 'polypeptide(L)'
;TNLCPFGEVFNATRFASVYAWNRKRISNCVADYSVLYNSASFSTFKCYGVSPTKLNDLCFTNVYADSFVIRGDEVRQIAP
GQTGKIADYNYKLPDDFTGCVIAWNSNNLDSKVGGNYNYLYRLFRKSNLKPFERDISTEIYQAGSTPCNGVEGFNCYFPL
QSYGFQPTNGVGYQPYRVVVLSFELLHAPATVCGPKKSTN
;
A
2 'polypeptide(L)'
;EVQLVESGGGLVQPGGSLRLSCAASGFTFSSYWMSWVRQAPGKGLEWVANIKQDGSEKYYVDSVKGRFTISRDNAKNSLY
LQMNSLRAEDTAVYYCTRAGWVRGAFDIWGQGTMVTVSSASTKGPSVFPLAPSTAALGCLVKDYFPEPVTVSWNSGALTS
GVHTFPAVLQSSGLYSLSSVVTVPSSSLGTQTYICNVNHKPSNTKVDKRVEP
;
B
3 'polypeptide(L)'
;NFMLTQPHSVSESPGKTVTISCTGSSGSIASNYVQWYQQRPGSAPTTVIYEDNQRPSGVPDRFSGSIDSSSNSASLTISG
LKTEDEADYYCQSYDSSNLWVFGGGTKLTVLGQPKAAPSVTLFPPSSEELQANKATLVCLISDFYPGAVTVAWKADSSPV
KAGVETTTPSKQSNNKYAASSYLSLTPEQWKSHRSYSCQVTHEGSTVEKTVAPTE
;
C
#
loop_
_chem_comp.id
_chem_comp.type
_chem_comp.name
_chem_comp.formula
NAG D-saccharide, beta linking 2-acetamido-2-deoxy-beta-D-glucopyranose 'C8 H15 N O6'
#
# COMPACT_ATOMS: atom_id res chain seq x y z
N THR A 1 -22.75 27.10 27.19
CA THR A 1 -21.82 26.13 26.59
C THR A 1 -20.36 26.40 26.98
N ASN A 2 -19.66 25.33 27.33
CA ASN A 2 -18.26 25.37 27.77
C ASN A 2 -17.50 24.26 27.05
N LEU A 3 -16.31 23.91 27.53
CA LEU A 3 -15.50 22.86 26.93
C LEU A 3 -15.68 21.57 27.72
N CYS A 4 -15.87 20.45 26.99
CA CYS A 4 -16.13 19.14 27.59
C CYS A 4 -14.91 18.55 28.29
N PRO A 5 -15.13 17.55 29.20
CA PRO A 5 -14.03 16.95 29.97
C PRO A 5 -13.39 15.73 29.31
N PHE A 6 -12.80 15.93 28.15
CA PHE A 6 -12.14 14.79 27.52
C PHE A 6 -10.74 14.57 28.05
N GLY A 7 -10.21 15.54 28.81
CA GLY A 7 -8.91 15.43 29.42
C GLY A 7 -8.96 14.63 30.71
N GLU A 8 -10.15 14.12 31.03
CA GLU A 8 -10.40 13.32 32.22
C GLU A 8 -10.79 11.90 31.86
N VAL A 9 -11.63 11.71 30.83
CA VAL A 9 -12.02 10.37 30.43
C VAL A 9 -10.85 9.65 29.77
N PHE A 10 -10.05 10.38 28.98
CA PHE A 10 -8.89 9.82 28.30
C PHE A 10 -7.64 9.92 29.16
N ASN A 11 -7.26 11.15 29.54
CA ASN A 11 -6.10 11.36 30.39
C ASN A 11 -6.49 11.07 31.85
N ALA A 12 -6.96 9.83 32.08
CA ALA A 12 -7.42 9.37 33.39
C ALA A 12 -6.32 8.61 34.14
N THR A 13 -6.66 8.15 35.35
CA THR A 13 -5.74 7.41 36.19
C THR A 13 -6.14 5.95 36.38
N ARG A 14 -7.32 5.69 36.93
CA ARG A 14 -7.79 4.33 37.13
C ARG A 14 -8.94 4.06 36.17
N PHE A 15 -8.95 2.86 35.59
CA PHE A 15 -9.98 2.45 34.67
C PHE A 15 -10.77 1.29 35.24
N ALA A 16 -12.02 1.17 34.79
CA ALA A 16 -12.89 0.12 35.27
C ALA A 16 -12.57 -1.20 34.57
N SER A 17 -13.34 -2.23 34.90
CA SER A 17 -13.19 -3.53 34.28
C SER A 17 -14.22 -3.61 33.17
N VAL A 18 -14.05 -4.58 32.27
CA VAL A 18 -14.97 -4.66 31.14
C VAL A 18 -16.39 -4.98 31.59
N TYR A 19 -16.57 -5.95 32.49
CA TYR A 19 -17.93 -6.26 32.93
C TYR A 19 -18.55 -5.06 33.64
N ALA A 20 -17.78 -4.36 34.45
CA ALA A 20 -18.23 -3.15 35.14
C ALA A 20 -17.77 -1.93 34.35
N TRP A 21 -18.16 -1.91 33.07
CA TRP A 21 -17.78 -0.85 32.15
C TRP A 21 -18.31 0.51 32.60
N ASN A 22 -17.38 1.42 32.85
CA ASN A 22 -17.68 2.77 33.30
C ASN A 22 -18.44 3.55 32.22
N ARG A 23 -18.94 4.74 32.60
CA ARG A 23 -19.68 5.62 31.71
C ARG A 23 -19.70 7.02 32.31
N LYS A 24 -19.63 8.04 31.47
CA LYS A 24 -19.65 9.43 31.92
C LYS A 24 -20.50 10.23 30.95
N ARG A 25 -21.64 10.73 31.44
CA ARG A 25 -22.55 11.54 30.63
C ARG A 25 -21.95 12.92 30.39
N ILE A 26 -21.88 13.32 29.12
CA ILE A 26 -21.31 14.60 28.74
C ILE A 26 -22.40 15.47 28.13
N SER A 27 -22.62 16.64 28.75
CA SER A 27 -23.59 17.63 28.30
C SER A 27 -23.19 18.96 28.89
N ASN A 28 -23.77 20.03 28.34
CA ASN A 28 -23.51 21.41 28.75
C ASN A 28 -22.13 21.90 28.33
N CYS A 29 -21.64 21.47 27.17
CA CYS A 29 -20.32 21.91 26.75
C CYS A 29 -20.10 21.71 25.25
N VAL A 30 -19.30 22.61 24.68
CA VAL A 30 -18.89 22.57 23.28
C VAL A 30 -17.55 21.86 23.27
N ALA A 31 -17.51 20.66 22.70
CA ALA A 31 -16.32 19.81 22.69
C ALA A 31 -15.18 20.38 21.85
N ASP A 32 -14.07 19.62 21.86
CA ASP A 32 -12.83 19.91 21.16
C ASP A 32 -12.29 18.57 20.66
N TYR A 33 -12.66 18.20 19.44
CA TYR A 33 -12.25 16.95 18.82
C TYR A 33 -10.84 16.98 18.25
N SER A 34 -10.15 18.13 18.36
CA SER A 34 -8.80 18.24 17.81
C SER A 34 -7.84 17.26 18.46
N VAL A 35 -7.78 17.25 19.79
CA VAL A 35 -6.88 16.37 20.50
C VAL A 35 -7.21 14.90 20.25
N LEU A 36 -8.41 14.61 19.76
CA LEU A 36 -8.79 13.22 19.54
C LEU A 36 -8.40 12.68 18.16
N TYR A 37 -8.71 13.38 17.05
CA TYR A 37 -8.30 12.78 15.78
C TYR A 37 -6.86 13.10 15.43
N ASN A 38 -6.36 14.29 15.78
CA ASN A 38 -4.97 14.61 15.51
C ASN A 38 -4.04 13.85 16.44
N SER A 39 -4.61 13.02 17.32
CA SER A 39 -3.83 12.27 18.30
C SER A 39 -2.79 11.40 17.62
N ALA A 40 -3.22 10.44 16.81
CA ALA A 40 -2.34 9.50 16.10
C ALA A 40 -1.60 8.57 17.03
N SER A 41 -1.88 8.62 18.34
CA SER A 41 -1.25 7.75 19.33
C SER A 41 -2.07 6.52 19.68
N PHE A 42 -3.34 6.46 19.26
CA PHE A 42 -4.15 5.29 19.53
C PHE A 42 -3.85 4.18 18.53
N SER A 43 -4.31 2.97 18.87
CA SER A 43 -4.16 1.80 18.03
C SER A 43 -5.42 1.53 17.21
N THR A 44 -6.58 1.58 17.85
CA THR A 44 -7.87 1.38 17.22
C THR A 44 -8.63 2.68 17.37
N PHE A 45 -8.99 3.29 16.25
CA PHE A 45 -9.71 4.57 16.29
C PHE A 45 -10.63 4.62 15.07
N LYS A 46 -11.88 4.20 15.27
CA LYS A 46 -12.85 4.19 14.18
C LYS A 46 -14.20 4.70 14.68
N CYS A 47 -14.93 5.32 13.76
CA CYS A 47 -16.25 5.87 14.05
C CYS A 47 -17.29 5.20 13.17
N TYR A 48 -18.42 4.83 13.76
CA TYR A 48 -19.49 4.15 13.05
C TYR A 48 -20.72 5.05 13.01
N GLY A 49 -20.96 5.68 11.87
CA GLY A 49 -22.11 6.54 11.69
C GLY A 49 -21.79 8.01 11.45
N VAL A 50 -20.52 8.43 11.53
CA VAL A 50 -20.18 9.83 11.30
C VAL A 50 -18.68 9.92 11.03
N SER A 51 -18.31 10.88 10.19
CA SER A 51 -16.89 11.08 9.90
C SER A 51 -16.30 12.02 10.93
N PRO A 52 -15.16 11.69 11.54
CA PRO A 52 -14.57 12.59 12.54
C PRO A 52 -14.34 14.00 12.02
N THR A 53 -14.27 14.19 10.70
CA THR A 53 -14.08 15.52 10.15
C THR A 53 -15.34 16.35 10.30
N LYS A 54 -16.49 15.79 9.97
CA LYS A 54 -17.77 16.49 10.06
C LYS A 54 -18.43 16.36 11.43
N LEU A 55 -17.65 16.56 12.48
CA LEU A 55 -18.17 16.51 13.84
C LEU A 55 -18.21 17.87 14.49
N ASN A 56 -17.26 18.74 14.14
CA ASN A 56 -17.23 20.09 14.69
C ASN A 56 -18.39 20.93 14.19
N ASP A 57 -18.95 20.59 13.03
CA ASP A 57 -20.10 21.27 12.47
C ASP A 57 -21.40 20.65 12.96
N LEU A 58 -21.31 19.65 13.84
CA LEU A 58 -22.44 18.95 14.43
C LEU A 58 -22.58 19.26 15.91
N CYS A 59 -23.82 19.17 16.38
CA CYS A 59 -24.18 19.38 17.77
C CYS A 59 -24.97 18.17 18.22
N PHE A 60 -24.97 17.91 19.53
CA PHE A 60 -25.68 16.73 20.02
C PHE A 60 -26.31 16.99 21.38
N THR A 61 -27.31 16.15 21.68
CA THR A 61 -28.02 16.24 22.95
C THR A 61 -27.10 15.87 24.10
N ASN A 62 -26.57 14.64 24.07
CA ASN A 62 -25.68 14.15 25.11
C ASN A 62 -24.65 13.23 24.47
N VAL A 63 -23.52 13.11 25.15
CA VAL A 63 -22.42 12.26 24.71
C VAL A 63 -22.06 11.34 25.87
N TYR A 64 -22.00 10.05 25.60
CA TYR A 64 -21.69 9.04 26.60
C TYR A 64 -20.29 8.51 26.38
N ALA A 65 -19.45 8.61 27.40
CA ALA A 65 -18.06 8.16 27.31
C ALA A 65 -17.86 6.90 28.15
N ASP A 66 -18.15 5.75 27.55
CA ASP A 66 -17.95 4.48 28.24
C ASP A 66 -16.46 4.14 28.18
N SER A 67 -15.84 3.90 29.33
CA SER A 67 -14.42 3.60 29.38
C SER A 67 -14.13 2.35 30.21
N PHE A 68 -13.29 1.46 29.67
CA PHE A 68 -12.92 0.22 30.34
C PHE A 68 -11.60 -0.29 29.74
N VAL A 69 -11.14 -1.44 30.25
CA VAL A 69 -9.89 -2.05 29.81
C VAL A 69 -10.10 -3.53 29.50
N ILE A 70 -9.52 -3.98 28.38
CA ILE A 70 -9.56 -5.36 27.91
C ILE A 70 -8.21 -5.64 27.26
N ARG A 71 -7.91 -6.92 27.02
CA ARG A 71 -6.66 -7.26 26.38
C ARG A 71 -6.77 -6.92 24.90
N GLY A 72 -5.80 -6.18 24.38
CA GLY A 72 -5.74 -5.71 23.01
C GLY A 72 -6.27 -6.61 21.93
N ASP A 73 -6.00 -7.91 22.05
CA ASP A 73 -6.45 -8.86 21.05
C ASP A 73 -7.97 -8.95 20.97
N GLU A 74 -8.67 -8.36 21.94
CA GLU A 74 -10.13 -8.38 22.01
C GLU A 74 -10.77 -7.06 21.59
N VAL A 75 -9.98 -6.04 21.22
CA VAL A 75 -10.57 -4.78 20.81
C VAL A 75 -11.38 -4.93 19.53
N ARG A 76 -11.08 -5.96 18.73
CA ARG A 76 -11.82 -6.19 17.50
C ARG A 76 -13.32 -6.32 17.76
N GLN A 77 -13.71 -6.78 18.95
CA GLN A 77 -15.10 -6.97 19.31
C GLN A 77 -15.80 -5.68 19.73
N ILE A 78 -15.09 -4.60 20.02
CA ILE A 78 -15.75 -3.34 20.42
C ILE A 78 -16.07 -2.65 19.09
N ALA A 79 -17.15 -3.12 18.48
CA ALA A 79 -17.64 -2.64 17.20
C ALA A 79 -18.95 -3.35 16.92
N PRO A 80 -19.80 -2.78 16.05
CA PRO A 80 -21.09 -3.41 15.75
C PRO A 80 -20.93 -4.81 15.19
N GLY A 81 -21.86 -5.69 15.57
CA GLY A 81 -21.83 -7.05 15.09
C GLY A 81 -20.78 -7.95 15.70
N GLN A 82 -19.52 -7.51 15.65
CA GLN A 82 -18.38 -8.25 16.18
C GLN A 82 -18.72 -8.92 17.51
N THR A 83 -18.52 -10.24 17.59
CA THR A 83 -18.84 -11.01 18.79
C THR A 83 -17.59 -11.67 19.38
N GLY A 84 -17.80 -12.27 20.53
CA GLY A 84 -16.76 -12.95 21.27
C GLY A 84 -17.06 -12.89 22.75
N LYS A 85 -16.08 -13.30 23.56
CA LYS A 85 -16.25 -13.29 25.00
C LYS A 85 -16.50 -11.89 25.56
N ILE A 86 -16.08 -10.85 24.86
CA ILE A 86 -16.28 -9.49 25.34
C ILE A 86 -17.59 -8.90 24.85
N ALA A 87 -17.93 -9.10 23.57
CA ALA A 87 -19.17 -8.53 23.07
C ALA A 87 -20.40 -9.34 23.46
N ASP A 88 -20.23 -10.52 24.04
CA ASP A 88 -21.39 -11.31 24.41
C ASP A 88 -21.72 -11.21 25.90
N TYR A 89 -20.72 -11.33 26.76
CA TYR A 89 -20.94 -11.32 28.19
C TYR A 89 -20.36 -10.11 28.92
N ASN A 90 -19.71 -9.18 28.22
CA ASN A 90 -19.11 -8.03 28.90
C ASN A 90 -19.62 -6.67 28.42
N TYR A 91 -19.66 -6.43 27.11
CA TYR A 91 -20.09 -5.15 26.56
C TYR A 91 -20.46 -5.33 25.10
N LYS A 92 -21.74 -5.15 24.76
CA LYS A 92 -22.20 -5.32 23.39
C LYS A 92 -22.68 -3.98 22.82
N LEU A 93 -22.22 -3.67 21.60
CA LEU A 93 -22.59 -2.45 20.89
C LEU A 93 -23.71 -2.75 19.92
N PRO A 94 -24.76 -1.94 19.87
CA PRO A 94 -25.88 -2.22 18.97
C PRO A 94 -25.51 -2.20 17.50
N ASP A 95 -26.41 -2.77 16.68
CA ASP A 95 -26.18 -2.78 15.24
C ASP A 95 -26.32 -1.38 14.67
N ASP A 96 -27.31 -0.62 15.15
CA ASP A 96 -27.53 0.74 14.70
C ASP A 96 -26.71 1.73 15.52
N PHE A 97 -25.59 1.27 16.07
CA PHE A 97 -24.71 2.11 16.87
C PHE A 97 -24.21 3.28 16.05
N THR A 98 -24.18 4.45 16.68
CA THR A 98 -23.71 5.67 16.02
C THR A 98 -22.79 6.42 16.99
N GLY A 99 -21.50 6.06 16.95
CA GLY A 99 -20.49 6.66 17.80
C GLY A 99 -19.07 6.36 17.37
N CYS A 100 -18.12 6.39 18.29
CA CYS A 100 -16.73 6.11 17.96
C CYS A 100 -16.10 5.20 19.00
N VAL A 101 -15.16 4.38 18.54
CA VAL A 101 -14.42 3.45 19.38
C VAL A 101 -12.96 3.88 19.35
N ILE A 102 -12.44 4.27 20.51
CA ILE A 102 -11.06 4.73 20.62
C ILE A 102 -10.34 3.89 21.66
N ALA A 103 -9.24 3.27 21.27
CA ALA A 103 -8.47 2.43 22.19
C ALA A 103 -6.98 2.64 21.97
N TRP A 104 -6.21 2.42 23.03
CA TRP A 104 -4.76 2.58 22.97
C TRP A 104 -4.09 1.60 23.92
N ASN A 105 -2.84 1.25 23.59
CA ASN A 105 -2.08 0.31 24.40
C ASN A 105 -1.71 0.96 25.73
N SER A 106 -1.83 0.19 26.82
CA SER A 106 -1.53 0.73 28.14
C SER A 106 -0.81 -0.26 29.04
N ASN A 107 0.04 -1.15 28.51
CA ASN A 107 0.69 -2.06 29.43
C ASN A 107 1.75 -1.37 30.28
N ASN A 108 2.11 -0.13 29.98
CA ASN A 108 3.08 0.55 30.81
C ASN A 108 2.45 1.09 32.08
N LEU A 109 1.13 0.97 32.21
CA LEU A 109 0.34 1.41 33.34
C LEU A 109 -0.41 0.27 34.02
N ASP A 110 -1.10 -0.56 33.23
CA ASP A 110 -1.92 -1.65 33.74
C ASP A 110 -1.23 -3.01 33.71
N SER A 111 0.10 -3.06 33.74
CA SER A 111 0.82 -4.33 33.74
C SER A 111 1.87 -4.31 34.83
N LYS A 112 1.63 -5.08 35.89
CA LYS A 112 2.52 -5.20 37.03
C LYS A 112 3.12 -6.61 37.02
N VAL A 113 4.39 -6.71 37.41
CA VAL A 113 5.06 -8.01 37.43
C VAL A 113 4.28 -8.99 38.27
N GLY A 114 4.09 -10.20 37.75
CA GLY A 114 3.32 -11.22 38.42
C GLY A 114 1.86 -11.22 38.04
N GLY A 115 1.40 -10.14 37.40
CA GLY A 115 0.02 -10.02 36.97
C GLY A 115 -0.79 -8.98 37.71
N ASN A 116 -1.31 -7.99 36.99
CA ASN A 116 -2.14 -6.95 37.59
C ASN A 116 -3.57 -7.46 37.44
N TYR A 117 -4.01 -8.23 38.43
CA TYR A 117 -5.33 -8.84 38.45
C TYR A 117 -6.44 -7.86 38.81
N ASN A 118 -6.16 -6.55 38.77
CA ASN A 118 -7.19 -5.56 39.08
C ASN A 118 -8.31 -5.57 38.05
N TYR A 119 -8.01 -5.96 36.81
CA TYR A 119 -9.01 -5.99 35.74
C TYR A 119 -9.57 -7.40 35.57
N LEU A 120 -10.89 -7.49 35.47
CA LEU A 120 -11.62 -8.74 35.34
C LEU A 120 -12.45 -8.74 34.07
N TYR A 121 -13.16 -9.84 33.86
CA TYR A 121 -14.05 -10.00 32.70
C TYR A 121 -14.98 -11.16 32.99
N ARG A 122 -16.12 -11.16 32.30
CA ARG A 122 -17.12 -12.21 32.49
C ARG A 122 -16.90 -13.40 31.57
N LEU A 123 -17.07 -14.59 32.13
CA LEU A 123 -16.91 -15.86 31.43
C LEU A 123 -18.24 -16.50 31.03
N PHE A 124 -19.23 -16.45 31.91
CA PHE A 124 -20.52 -17.07 31.65
C PHE A 124 -21.66 -16.09 31.91
N ARG A 125 -22.67 -16.18 31.05
CA ARG A 125 -23.87 -15.37 31.15
C ARG A 125 -24.91 -16.06 30.27
N LYS A 126 -26.01 -16.49 30.88
CA LYS A 126 -27.05 -17.17 30.12
C LYS A 126 -27.66 -16.26 29.06
N SER A 127 -27.48 -14.95 29.18
CA SER A 127 -28.03 -14.00 28.22
C SER A 127 -26.91 -13.17 27.63
N ASN A 128 -26.91 -13.06 26.29
CA ASN A 128 -25.92 -12.22 25.64
C ASN A 128 -26.31 -10.78 25.96
N LEU A 129 -25.35 -10.01 26.46
CA LEU A 129 -25.65 -8.63 26.84
C LEU A 129 -26.35 -7.89 25.71
N LYS A 130 -27.58 -7.46 26.00
CA LYS A 130 -28.31 -6.69 25.02
C LYS A 130 -27.54 -5.39 24.79
N PRO A 131 -27.65 -4.79 23.60
CA PRO A 131 -26.89 -3.56 23.34
C PRO A 131 -26.85 -2.60 24.51
N PHE A 132 -25.64 -2.37 25.03
CA PHE A 132 -25.33 -1.52 26.16
C PHE A 132 -25.79 -2.07 27.51
N GLU A 133 -26.19 -3.34 27.58
CA GLU A 133 -26.62 -3.89 28.85
C GLU A 133 -25.40 -4.11 29.75
N ARG A 134 -25.65 -4.22 31.06
CA ARG A 134 -24.57 -4.41 32.01
C ARG A 134 -24.85 -5.65 32.86
N ASP A 135 -23.85 -6.52 32.96
CA ASP A 135 -23.91 -7.78 33.71
C ASP A 135 -22.79 -7.78 34.74
N ILE A 136 -23.03 -7.16 35.90
CA ILE A 136 -22.03 -7.10 36.95
C ILE A 136 -22.35 -8.10 38.07
N SER A 137 -23.13 -9.13 37.75
CA SER A 137 -23.50 -10.14 38.72
C SER A 137 -22.31 -11.00 39.13
N THR A 138 -22.08 -11.10 40.44
CA THR A 138 -21.03 -11.94 41.02
C THR A 138 -21.57 -13.31 41.40
N GLU A 139 -22.81 -13.59 41.01
CA GLU A 139 -23.48 -14.86 41.27
C GLU A 139 -22.74 -16.03 40.64
N ILE A 140 -22.45 -17.04 41.45
CA ILE A 140 -21.74 -18.24 41.01
C ILE A 140 -22.52 -18.92 39.90
N TYR A 141 -21.94 -18.93 38.69
CA TYR A 141 -22.59 -19.54 37.54
C TYR A 141 -22.81 -21.03 37.79
N GLN A 142 -24.09 -21.43 37.87
CA GLN A 142 -24.47 -22.82 38.12
C GLN A 142 -24.26 -23.56 36.81
N ALA A 143 -23.07 -24.17 36.67
CA ALA A 143 -22.73 -24.89 35.45
C ALA A 143 -23.64 -26.09 35.22
N GLY A 144 -23.79 -26.95 36.22
CA GLY A 144 -24.60 -28.14 36.12
C GLY A 144 -25.98 -27.99 36.72
N SER A 145 -26.56 -29.15 37.09
CA SER A 145 -27.90 -29.18 37.66
C SER A 145 -27.92 -28.88 39.15
N THR A 146 -26.99 -29.45 39.91
CA THR A 146 -26.95 -29.22 41.35
C THR A 146 -26.62 -27.74 41.61
N PRO A 147 -27.46 -27.01 42.36
CA PRO A 147 -27.17 -25.59 42.61
C PRO A 147 -25.85 -25.40 43.34
N CYS A 148 -25.43 -24.14 43.39
CA CYS A 148 -24.16 -23.76 44.01
C CYS A 148 -24.33 -23.22 45.42
N ASN A 149 -25.12 -22.17 45.58
CA ASN A 149 -25.40 -21.53 46.86
C ASN A 149 -24.16 -21.02 47.57
N GLY A 150 -22.99 -21.04 46.92
CA GLY A 150 -21.80 -20.56 47.62
C GLY A 150 -20.47 -20.79 46.93
N VAL A 151 -19.50 -21.36 47.66
CA VAL A 151 -18.17 -21.61 47.10
C VAL A 151 -18.26 -22.47 45.85
N GLU A 152 -17.26 -22.34 44.99
CA GLU A 152 -17.24 -23.09 43.75
C GLU A 152 -16.52 -24.43 43.90
N GLY A 153 -16.71 -25.28 42.88
CA GLY A 153 -16.18 -26.61 42.72
C GLY A 153 -16.74 -27.04 41.39
N PHE A 154 -16.95 -28.33 41.12
CA PHE A 154 -17.54 -28.59 39.82
C PHE A 154 -19.01 -28.15 39.86
N ASN A 155 -19.56 -27.84 38.69
CA ASN A 155 -20.93 -27.36 38.54
C ASN A 155 -21.08 -25.98 39.18
N CYS A 156 -19.98 -25.40 39.64
CA CYS A 156 -19.97 -24.10 40.29
C CYS A 156 -18.77 -23.31 39.79
N TYR A 157 -19.02 -22.22 39.05
CA TYR A 157 -17.95 -21.41 38.52
C TYR A 157 -18.20 -19.94 38.82
N PHE A 158 -17.19 -19.29 39.40
CA PHE A 158 -17.15 -17.89 39.76
C PHE A 158 -17.21 -17.20 38.39
N PRO A 159 -18.36 -16.61 38.03
CA PRO A 159 -18.55 -16.04 36.67
C PRO A 159 -17.48 -15.10 36.17
N LEU A 160 -16.66 -14.54 37.05
CA LEU A 160 -15.62 -13.61 36.62
C LEU A 160 -14.26 -14.29 36.59
N GLN A 161 -13.40 -13.76 35.72
CA GLN A 161 -12.03 -14.23 35.54
C GLN A 161 -11.14 -13.00 35.63
N SER A 162 -9.82 -13.21 35.61
CA SER A 162 -8.89 -12.11 35.72
C SER A 162 -7.98 -12.03 34.50
N TYR A 163 -7.19 -10.94 34.45
CA TYR A 163 -6.25 -10.68 33.38
C TYR A 163 -4.85 -10.66 34.00
N GLY A 164 -4.00 -11.56 33.55
CA GLY A 164 -2.64 -11.61 34.05
C GLY A 164 -1.75 -10.70 33.23
N PHE A 165 -1.96 -9.40 33.34
CA PHE A 165 -1.22 -8.39 32.57
C PHE A 165 0.22 -8.28 33.04
N GLN A 166 1.11 -8.95 32.37
CA GLN A 166 2.50 -8.84 32.73
C GLN A 166 3.21 -7.99 31.69
N PRO A 167 4.23 -7.21 32.07
CA PRO A 167 4.93 -6.37 31.09
C PRO A 167 5.67 -7.15 30.01
N THR A 168 5.68 -8.48 30.09
CA THR A 168 6.34 -9.34 29.11
C THR A 168 5.36 -10.17 28.30
N ASN A 169 4.06 -9.95 28.47
CA ASN A 169 3.06 -10.70 27.73
C ASN A 169 3.14 -10.40 26.24
N GLY A 170 2.34 -11.14 25.47
CA GLY A 170 2.30 -10.95 24.04
C GLY A 170 1.61 -9.65 23.66
N VAL A 171 1.99 -9.13 22.50
CA VAL A 171 1.43 -7.88 21.99
C VAL A 171 -0.09 -7.91 21.99
N GLY A 172 -0.69 -9.10 21.90
CA GLY A 172 -2.13 -9.22 21.91
C GLY A 172 -2.73 -9.41 23.29
N TYR A 173 -1.96 -9.98 24.21
CA TYR A 173 -2.41 -10.21 25.57
C TYR A 173 -2.26 -9.00 26.48
N GLN A 174 -1.70 -7.91 25.98
CA GLN A 174 -1.47 -6.71 26.77
C GLN A 174 -2.75 -5.90 26.99
N PRO A 175 -2.82 -5.13 28.08
CA PRO A 175 -4.02 -4.34 28.37
C PRO A 175 -4.12 -3.10 27.51
N TYR A 176 -5.35 -2.82 27.06
CA TYR A 176 -5.64 -1.66 26.23
C TYR A 176 -6.82 -0.91 26.85
N ARG A 177 -6.70 0.41 26.93
CA ARG A 177 -7.77 1.24 27.48
C ARG A 177 -8.69 1.65 26.35
N VAL A 178 -10.00 1.43 26.53
CA VAL A 178 -10.97 1.75 25.50
C VAL A 178 -11.84 2.92 25.96
N VAL A 179 -12.44 3.59 24.98
CA VAL A 179 -13.35 4.72 25.21
C VAL A 179 -14.39 4.63 24.10
N VAL A 180 -15.63 4.34 24.46
CA VAL A 180 -16.72 4.24 23.47
C VAL A 180 -17.60 5.46 23.62
N LEU A 181 -17.60 6.31 22.60
CA LEU A 181 -18.39 7.53 22.60
C LEU A 181 -19.70 7.32 21.88
N SER A 182 -20.80 7.68 22.53
CA SER A 182 -22.14 7.56 21.99
C SER A 182 -22.67 8.96 21.71
N PHE A 183 -23.53 9.07 20.70
CA PHE A 183 -24.10 10.36 20.31
C PHE A 183 -25.61 10.26 20.36
N GLU A 184 -26.23 11.28 20.97
CA GLU A 184 -27.66 11.33 21.19
C GLU A 184 -28.35 12.27 20.20
N LEU A 185 -29.40 11.78 19.56
CA LEU A 185 -30.20 12.52 18.58
C LEU A 185 -31.61 12.61 19.14
N LEU A 186 -31.86 13.67 19.93
CA LEU A 186 -33.15 13.90 20.55
C LEU A 186 -33.72 15.25 20.15
N HIS A 187 -35.04 15.31 19.97
CA HIS A 187 -35.72 16.56 19.61
C HIS A 187 -35.96 17.40 20.87
N ALA A 188 -34.86 17.66 21.57
CA ALA A 188 -34.77 18.42 22.80
C ALA A 188 -33.60 19.38 22.68
N PRO A 189 -33.42 20.34 23.60
CA PRO A 189 -32.28 21.25 23.48
C PRO A 189 -30.95 20.52 23.48
N ALA A 190 -30.03 20.98 22.63
CA ALA A 190 -28.71 20.38 22.51
C ALA A 190 -27.71 21.21 23.30
N THR A 191 -27.00 20.56 24.21
CA THR A 191 -26.00 21.21 25.05
C THR A 191 -24.58 20.79 24.71
N VAL A 192 -24.39 20.06 23.61
CA VAL A 192 -23.06 19.60 23.18
C VAL A 192 -22.87 20.02 21.74
N CYS A 193 -21.70 20.59 21.44
CA CYS A 193 -21.39 21.04 20.09
C CYS A 193 -19.89 21.00 19.85
N GLY A 194 -19.52 21.21 18.59
CA GLY A 194 -18.14 21.28 18.20
C GLY A 194 -17.88 22.76 17.99
N PRO A 195 -16.78 23.13 17.35
CA PRO A 195 -16.52 24.55 17.12
C PRO A 195 -17.56 25.18 16.19
N LYS A 196 -18.80 25.17 16.67
CA LYS A 196 -20.01 25.71 16.04
C LYS A 196 -20.73 26.56 17.07
N LYS A 197 -19.95 27.32 17.84
CA LYS A 197 -20.45 28.17 18.91
C LYS A 197 -21.33 29.32 18.42
N SER A 198 -21.46 29.51 17.10
CA SER A 198 -22.30 30.59 16.58
C SER A 198 -23.78 30.36 16.82
N THR A 199 -24.17 29.16 17.27
CA THR A 199 -25.56 28.82 17.54
C THR A 199 -25.70 28.45 19.01
N ASN A 200 -26.23 29.36 19.82
CA ASN A 200 -26.43 29.14 21.25
C ASN A 200 -27.79 29.65 21.69
N GLU B 1 -12.99 24.34 -4.87
CA GLU B 1 -11.95 23.97 -5.82
C GLU B 1 -10.61 23.76 -5.09
N VAL B 2 -9.83 22.75 -5.47
CA VAL B 2 -8.56 22.44 -4.81
C VAL B 2 -7.53 21.91 -5.82
N GLN B 3 -6.30 22.39 -5.72
CA GLN B 3 -5.20 21.97 -6.58
C GLN B 3 -3.88 22.11 -5.82
N LEU B 4 -2.94 21.20 -6.12
CA LEU B 4 -1.62 21.19 -5.50
C LEU B 4 -0.57 20.98 -6.59
N VAL B 5 0.43 21.85 -6.62
CA VAL B 5 1.50 21.79 -7.62
C VAL B 5 2.84 21.67 -6.94
N GLU B 6 3.64 20.70 -7.40
CA GLU B 6 4.98 20.45 -6.86
C GLU B 6 6.05 20.80 -7.89
N SER B 7 7.14 21.39 -7.41
CA SER B 7 8.25 21.76 -8.27
C SER B 7 9.55 21.45 -7.53
N GLY B 8 10.66 21.80 -8.16
CA GLY B 8 11.97 21.59 -7.58
C GLY B 8 12.59 20.24 -7.82
N GLY B 9 11.96 19.38 -8.60
CA GLY B 9 12.52 18.07 -8.89
C GLY B 9 13.46 18.11 -10.08
N GLY B 10 14.17 17.00 -10.27
CA GLY B 10 15.10 16.91 -11.39
C GLY B 10 16.07 15.76 -11.32
N LEU B 11 17.34 16.03 -11.61
CA LEU B 11 18.40 15.03 -11.60
C LEU B 11 19.56 15.52 -10.76
N VAL B 12 20.12 14.61 -9.96
CA VAL B 12 21.26 14.89 -9.10
C VAL B 12 21.95 13.57 -8.80
N GLN B 13 23.28 13.60 -8.73
CA GLN B 13 23.99 12.36 -8.46
C GLN B 13 23.95 12.04 -6.96
N PRO B 14 24.24 10.79 -6.59
CA PRO B 14 24.17 10.38 -5.19
C PRO B 14 24.88 11.31 -4.22
N GLY B 15 24.22 11.54 -3.08
CA GLY B 15 24.74 12.38 -2.01
C GLY B 15 24.41 13.83 -2.09
N GLY B 16 23.92 14.33 -3.24
CA GLY B 16 23.59 15.73 -3.38
C GLY B 16 22.28 16.11 -2.70
N SER B 17 22.11 17.42 -2.56
CA SER B 17 20.90 17.96 -1.95
C SER B 17 19.89 18.32 -3.03
N LEU B 18 18.64 18.46 -2.60
CA LEU B 18 17.53 18.80 -3.48
C LEU B 18 16.41 19.27 -2.57
N ARG B 19 15.56 20.17 -3.08
CA ARG B 19 14.48 20.70 -2.26
C ARG B 19 13.18 20.76 -3.04
N LEU B 20 12.25 19.88 -2.71
CA LEU B 20 10.95 19.85 -3.33
C LEU B 20 10.04 20.85 -2.63
N SER B 21 9.10 21.41 -3.38
CA SER B 21 8.17 22.37 -2.80
C SER B 21 6.81 22.20 -3.47
N CYS B 22 5.75 22.26 -2.68
CA CYS B 22 4.37 22.10 -3.14
C CYS B 22 3.60 23.40 -2.95
N ALA B 23 2.87 23.83 -3.98
CA ALA B 23 2.08 25.05 -3.94
C ALA B 23 0.62 24.67 -3.74
N ALA B 24 0.09 24.97 -2.56
CA ALA B 24 -1.30 24.65 -2.21
C ALA B 24 -2.22 25.79 -2.63
N SER B 25 -3.39 25.43 -3.14
CA SER B 25 -4.34 26.45 -3.57
C SER B 25 -5.73 25.83 -3.67
N GLY B 26 -6.65 26.28 -2.82
CA GLY B 26 -7.99 25.76 -2.91
C GLY B 26 -8.72 25.40 -1.63
N PHE B 27 -8.00 25.30 -0.53
CA PHE B 27 -8.63 24.95 0.73
C PHE B 27 -7.99 25.74 1.85
N THR B 28 -8.56 25.59 3.03
CA THR B 28 -8.02 26.26 4.20
C THR B 28 -6.77 25.45 4.55
N PHE B 29 -5.64 25.87 3.99
CA PHE B 29 -4.36 25.18 4.18
C PHE B 29 -4.04 24.96 5.65
N SER B 30 -4.37 25.92 6.49
CA SER B 30 -4.13 25.85 7.92
C SER B 30 -4.97 24.79 8.62
N SER B 31 -5.68 23.94 7.86
CA SER B 31 -6.56 22.93 8.43
C SER B 31 -6.27 21.50 7.96
N TYR B 32 -5.16 21.24 7.27
CA TYR B 32 -4.89 19.90 6.79
C TYR B 32 -3.46 19.44 7.06
N TRP B 33 -3.31 18.11 7.12
CA TRP B 33 -2.01 17.50 7.30
C TRP B 33 -1.40 17.34 5.92
N MET B 34 -0.17 17.79 5.75
CA MET B 34 0.50 17.71 4.46
C MET B 34 1.49 16.56 4.46
N SER B 35 1.39 15.70 3.44
CA SER B 35 2.24 14.54 3.33
C SER B 35 2.88 14.44 1.96
N TRP B 36 4.05 13.81 1.92
CA TRP B 36 4.79 13.55 0.70
C TRP B 36 4.74 12.06 0.45
N VAL B 37 4.17 11.65 -0.68
CA VAL B 37 4.08 10.25 -1.03
C VAL B 37 4.85 10.07 -2.33
N ARG B 38 5.87 9.20 -2.30
CA ARG B 38 6.68 8.95 -3.47
C ARG B 38 6.30 7.62 -4.08
N GLN B 39 6.57 7.48 -5.38
CA GLN B 39 6.28 6.26 -6.12
C GLN B 39 7.39 6.04 -7.13
N ALA B 40 8.20 5.01 -6.90
CA ALA B 40 9.28 4.71 -7.83
C ALA B 40 8.69 4.30 -9.18
N PRO B 41 9.43 4.51 -10.27
CA PRO B 41 8.89 4.16 -11.59
C PRO B 41 8.65 2.66 -11.68
N GLY B 42 7.43 2.29 -12.09
CA GLY B 42 7.07 0.90 -12.21
C GLY B 42 6.86 0.17 -10.91
N LYS B 43 6.96 0.85 -9.78
CA LYS B 43 6.77 0.28 -8.46
C LYS B 43 5.48 0.83 -7.85
N GLY B 44 5.21 0.47 -6.60
CA GLY B 44 4.02 0.91 -5.91
C GLY B 44 4.19 2.25 -5.22
N LEU B 45 3.16 2.66 -4.49
CA LEU B 45 3.16 3.91 -3.75
C LEU B 45 3.76 3.68 -2.38
N GLU B 46 4.56 4.64 -1.92
CA GLU B 46 5.18 4.55 -0.60
C GLU B 46 5.14 5.92 0.08
N TRP B 47 4.57 5.96 1.28
CA TRP B 47 4.51 7.23 2.00
C TRP B 47 5.93 7.64 2.37
N VAL B 48 6.15 8.94 2.54
CA VAL B 48 7.49 9.42 2.88
C VAL B 48 7.48 10.24 4.16
N ALA B 49 6.74 11.35 4.17
CA ALA B 49 6.70 12.23 5.33
C ALA B 49 5.29 12.78 5.52
N ASN B 50 5.05 13.34 6.71
CA ASN B 50 3.76 13.95 7.05
C ASN B 50 4.02 15.00 8.11
N ILE B 51 3.62 16.23 7.85
CA ILE B 51 3.80 17.33 8.80
C ILE B 51 2.41 17.70 9.32
N LYS B 52 2.33 18.04 10.60
CA LYS B 52 1.05 18.41 11.19
C LYS B 52 0.57 19.77 10.66
N GLN B 53 -0.75 19.95 10.68
CA GLN B 53 -1.43 21.14 10.19
C GLN B 53 -1.03 22.44 10.87
N ASP B 54 -0.19 22.40 11.91
CA ASP B 54 0.29 23.60 12.57
C ASP B 54 1.82 23.60 12.65
N GLY B 55 2.47 22.64 12.01
CA GLY B 55 3.91 22.49 11.98
C GLY B 55 4.49 21.93 13.26
N SER B 56 3.64 21.51 14.20
CA SER B 56 4.10 21.00 15.48
C SER B 56 4.93 19.73 15.35
N GLU B 57 4.31 18.63 14.93
CA GLU B 57 4.96 17.33 14.85
C GLU B 57 5.03 16.77 13.44
N LYS B 58 6.23 16.30 13.07
CA LYS B 58 6.54 15.74 11.76
C LYS B 58 6.84 14.25 11.89
N TYR B 59 6.55 13.50 10.81
CA TYR B 59 6.77 12.07 10.77
C TYR B 59 7.36 11.69 9.41
N TYR B 60 8.25 10.70 9.40
CA TYR B 60 8.89 10.26 8.17
C TYR B 60 9.06 8.75 8.20
N VAL B 61 9.26 8.16 7.02
CA VAL B 61 9.55 6.74 6.98
C VAL B 61 10.98 6.57 7.48
N ASP B 62 11.27 5.40 8.02
CA ASP B 62 12.62 5.17 8.51
C ASP B 62 13.65 5.18 7.39
N SER B 63 13.20 5.02 6.13
CA SER B 63 14.11 5.01 4.99
C SER B 63 14.85 6.33 4.84
N VAL B 64 14.16 7.44 5.05
CA VAL B 64 14.73 8.77 4.86
C VAL B 64 14.95 9.51 6.17
N LYS B 65 14.74 8.87 7.32
CA LYS B 65 14.95 9.59 8.57
C LYS B 65 16.41 10.01 8.69
N GLY B 66 16.60 11.26 9.08
CA GLY B 66 17.93 11.83 9.22
C GLY B 66 18.45 12.50 7.98
N ARG B 67 17.76 12.40 6.85
CA ARG B 67 18.20 13.03 5.61
C ARG B 67 17.11 13.90 4.99
N PHE B 68 15.85 13.50 5.08
CA PHE B 68 14.74 14.26 4.53
C PHE B 68 14.09 15.07 5.65
N THR B 69 13.88 16.37 5.42
CA THR B 69 13.29 17.25 6.41
C THR B 69 12.01 17.88 5.88
N ILE B 70 10.86 17.38 6.30
CA ILE B 70 9.61 17.97 5.85
C ILE B 70 9.44 19.30 6.58
N SER B 71 8.87 20.28 5.89
CA SER B 71 8.67 21.60 6.47
C SER B 71 7.52 22.27 5.73
N ARG B 72 6.64 22.94 6.47
CA ARG B 72 5.52 23.62 5.85
C ARG B 72 5.57 25.12 6.13
N ASP B 73 4.61 25.83 5.54
CA ASP B 73 4.49 27.27 5.70
C ASP B 73 3.01 27.59 5.44
N ASN B 74 2.24 27.73 6.52
CA ASN B 74 0.81 27.98 6.39
C ASN B 74 0.50 29.30 5.70
N ALA B 75 1.18 30.37 6.10
CA ALA B 75 0.91 31.69 5.53
C ALA B 75 1.06 31.71 4.01
N LYS B 76 2.07 31.04 3.47
CA LYS B 76 2.30 31.03 2.04
C LYS B 76 1.64 29.87 1.31
N ASN B 77 0.77 29.11 1.99
CA ASN B 77 0.09 27.96 1.38
C ASN B 77 1.08 27.07 0.65
N SER B 78 2.15 26.69 1.35
CA SER B 78 3.21 25.88 0.75
C SER B 78 3.72 24.81 1.71
N LEU B 79 4.27 23.75 1.11
CA LEU B 79 4.87 22.61 1.80
C LEU B 79 6.19 22.31 1.11
N TYR B 80 7.20 21.97 1.89
CA TYR B 80 8.51 21.69 1.35
C TYR B 80 9.02 20.34 1.85
N LEU B 81 10.12 19.90 1.26
CA LEU B 81 10.76 18.65 1.65
C LEU B 81 12.24 18.77 1.28
N GLN B 82 13.07 19.12 2.26
CA GLN B 82 14.49 19.24 2.00
C GLN B 82 15.08 17.83 1.92
N MET B 83 15.60 17.47 0.77
CA MET B 83 16.17 16.14 0.54
C MET B 83 17.69 16.23 0.50
N ASN B 84 18.32 16.15 1.67
CA ASN B 84 19.76 16.21 1.78
C ASN B 84 20.33 14.80 1.84
N SER B 85 21.53 14.64 1.29
CA SER B 85 22.21 13.34 1.25
C SER B 85 21.32 12.28 0.60
N LEU B 86 21.01 12.51 -0.67
CA LEU B 86 20.16 11.62 -1.43
C LEU B 86 20.85 10.31 -1.78
N ARG B 87 20.03 9.30 -2.03
CA ARG B 87 20.47 7.97 -2.42
C ARG B 87 19.77 7.60 -3.72
N ALA B 88 20.21 6.48 -4.33
CA ALA B 88 19.60 6.05 -5.57
C ALA B 88 18.19 5.52 -5.36
N GLU B 89 17.94 4.85 -4.23
CA GLU B 89 16.61 4.31 -3.95
C GLU B 89 15.56 5.42 -3.97
N ASP B 90 15.93 6.62 -3.54
CA ASP B 90 15.01 7.76 -3.50
C ASP B 90 14.49 8.16 -4.87
N THR B 91 14.98 7.56 -5.96
CA THR B 91 14.50 7.90 -7.29
C THR B 91 13.04 7.54 -7.41
N ALA B 92 12.18 8.54 -7.58
CA ALA B 92 10.75 8.30 -7.66
C ALA B 92 10.05 9.61 -7.98
N VAL B 93 8.75 9.52 -8.18
CA VAL B 93 7.89 10.67 -8.44
C VAL B 93 7.31 11.05 -7.09
N TYR B 94 7.56 12.26 -6.65
CA TYR B 94 7.09 12.72 -5.35
C TYR B 94 5.81 13.54 -5.52
N TYR B 95 4.79 13.21 -4.74
CA TYR B 95 3.51 13.91 -4.77
C TYR B 95 3.25 14.54 -3.41
N CYS B 96 2.61 15.70 -3.38
CA CYS B 96 2.22 16.32 -2.11
C CYS B 96 0.74 16.03 -1.97
N THR B 97 0.33 15.51 -0.82
CA THR B 97 -1.06 15.13 -0.60
C THR B 97 -1.63 15.69 0.69
N ARG B 98 -2.93 15.91 0.65
CA ARG B 98 -3.71 16.49 1.71
C ARG B 98 -4.34 15.39 2.58
N ALA B 99 -4.44 15.64 3.90
CA ALA B 99 -5.01 14.64 4.81
C ALA B 99 -6.23 15.09 5.61
N GLY B 100 -6.14 16.19 6.34
CA GLY B 100 -7.28 16.62 7.15
C GLY B 100 -7.20 16.21 8.60
N TRP B 101 -6.94 14.92 8.83
CA TRP B 101 -6.78 14.35 10.16
C TRP B 101 -5.71 13.27 10.01
N VAL B 102 -5.38 12.55 11.07
CA VAL B 102 -4.28 11.59 10.93
C VAL B 102 -4.70 10.33 10.18
N ARG B 103 -5.73 9.64 10.65
CA ARG B 103 -6.08 8.38 10.01
C ARG B 103 -6.55 8.57 8.57
N GLY B 104 -5.79 7.98 7.66
CA GLY B 104 -6.01 7.98 6.22
C GLY B 104 -6.46 9.26 5.55
N ALA B 105 -7.24 9.05 4.49
CA ALA B 105 -7.81 10.08 3.64
C ALA B 105 -6.77 10.93 2.91
N PHE B 106 -5.89 10.31 2.12
CA PHE B 106 -4.95 11.11 1.32
C PHE B 106 -5.80 11.66 0.17
N ASP B 107 -6.63 12.63 0.54
CA ASP B 107 -7.66 13.27 -0.26
C ASP B 107 -7.34 13.59 -1.71
N ILE B 108 -6.43 14.53 -1.92
CA ILE B 108 -6.06 14.99 -3.26
C ILE B 108 -4.59 14.69 -3.49
N TRP B 109 -4.22 14.53 -4.76
CA TRP B 109 -2.85 14.24 -5.15
C TRP B 109 -2.43 15.16 -6.28
N GLY B 110 -1.37 15.92 -6.06
CA GLY B 110 -0.87 16.78 -7.11
C GLY B 110 -0.29 15.92 -8.21
N GLN B 111 0.11 16.54 -9.31
CA GLN B 111 0.66 15.71 -10.38
C GLN B 111 2.04 15.16 -10.01
N GLY B 112 2.79 15.87 -9.17
CA GLY B 112 4.09 15.43 -8.71
C GLY B 112 5.26 15.66 -9.65
N THR B 113 6.44 15.89 -9.09
CA THR B 113 7.65 16.13 -9.87
C THR B 113 8.59 14.94 -9.73
N MET B 114 9.31 14.64 -10.81
CA MET B 114 10.23 13.51 -10.83
C MET B 114 11.58 13.85 -10.19
N VAL B 115 12.13 12.90 -9.46
CA VAL B 115 13.44 13.03 -8.80
C VAL B 115 14.28 11.85 -9.25
N THR B 116 15.33 12.12 -10.01
CA THR B 116 16.22 11.08 -10.52
C THR B 116 17.57 11.22 -9.82
N VAL B 117 18.08 10.10 -9.30
CA VAL B 117 19.37 10.08 -8.62
C VAL B 117 20.24 9.04 -9.32
N SER B 118 21.15 9.52 -10.19
CA SER B 118 22.04 8.64 -10.93
C SER B 118 23.35 9.36 -11.21
N SER B 119 24.46 8.69 -10.90
CA SER B 119 25.78 9.27 -11.11
C SER B 119 26.20 9.20 -12.57
N ALA B 120 25.82 8.12 -13.26
CA ALA B 120 26.19 7.91 -14.66
C ALA B 120 25.93 9.12 -15.54
N SER B 121 26.88 9.37 -16.45
CA SER B 121 26.83 10.46 -17.41
C SER B 121 26.71 9.87 -18.82
N THR B 122 26.37 10.74 -19.77
CA THR B 122 26.17 10.35 -21.16
C THR B 122 27.26 9.41 -21.66
N LYS B 123 26.85 8.31 -22.28
CA LYS B 123 27.77 7.31 -22.81
C LYS B 123 27.09 6.57 -23.96
N GLY B 124 27.89 6.19 -24.96
CA GLY B 124 27.39 5.46 -26.10
C GLY B 124 27.23 3.98 -25.78
N PRO B 125 26.35 3.30 -26.48
CA PRO B 125 26.13 1.88 -26.21
C PRO B 125 27.10 0.96 -26.95
N SER B 126 27.13 -0.29 -26.47
CA SER B 126 27.93 -1.36 -27.05
C SER B 126 26.93 -2.32 -27.69
N VAL B 127 27.11 -2.62 -28.97
CA VAL B 127 26.16 -3.48 -29.67
C VAL B 127 26.73 -4.89 -29.82
N PHE B 128 25.88 -5.88 -29.55
CA PHE B 128 26.21 -7.29 -29.62
C PHE B 128 25.18 -8.06 -30.45
N PRO B 129 25.63 -9.03 -31.23
CA PRO B 129 24.69 -9.80 -32.06
C PRO B 129 23.94 -10.86 -31.28
N LEU B 130 22.78 -11.25 -31.82
CA LEU B 130 21.98 -12.26 -31.16
C LEU B 130 22.06 -13.64 -31.82
N ALA B 131 22.40 -13.73 -33.12
CA ALA B 131 22.59 -15.03 -33.77
C ALA B 131 21.41 -16.00 -33.65
N PRO B 132 20.45 -15.96 -34.57
CA PRO B 132 19.27 -16.85 -34.47
C PRO B 132 19.55 -18.31 -34.12
N SER B 133 18.54 -18.96 -33.53
CA SER B 133 18.54 -20.37 -33.08
C SER B 133 19.83 -21.17 -33.33
N THR B 134 10.14 -21.22 -37.51
CA THR B 134 10.86 -20.00 -37.88
C THR B 134 11.77 -19.57 -36.73
N ALA B 135 12.81 -18.79 -37.04
CA ALA B 135 13.75 -18.31 -36.04
C ALA B 135 13.91 -16.80 -36.17
N ALA B 136 14.35 -16.18 -35.07
CA ALA B 136 14.54 -14.74 -34.98
C ALA B 136 15.94 -14.40 -34.50
N LEU B 137 16.41 -13.22 -34.91
CA LEU B 137 17.72 -12.68 -34.59
C LEU B 137 17.57 -11.24 -34.15
N GLY B 138 18.66 -10.65 -33.67
CA GLY B 138 18.59 -9.26 -33.26
C GLY B 138 19.91 -8.74 -32.77
N CYS B 139 19.86 -7.54 -32.19
CA CYS B 139 21.02 -6.87 -31.62
C CYS B 139 20.74 -6.54 -30.16
N LEU B 140 21.82 -6.32 -29.41
CA LEU B 140 21.75 -6.00 -28.00
C LEU B 140 22.44 -4.65 -27.75
N VAL B 141 21.65 -3.62 -27.48
CA VAL B 141 22.15 -2.29 -27.20
C VAL B 141 22.46 -2.26 -25.71
N LYS B 142 23.73 -2.42 -25.36
CA LYS B 142 24.16 -2.53 -23.97
C LYS B 142 24.88 -1.31 -23.41
N ASP B 143 24.43 -0.88 -22.22
CA ASP B 143 25.03 0.18 -21.41
C ASP B 143 25.16 1.53 -22.14
N TYR B 144 24.02 2.15 -22.35
CA TYR B 144 23.98 3.47 -22.96
C TYR B 144 23.30 4.43 -21.97
N PHE B 145 23.69 5.70 -22.00
CA PHE B 145 23.05 6.58 -21.04
C PHE B 145 21.79 7.19 -21.67
N PRO B 146 21.41 8.43 -21.40
CA PRO B 146 20.05 8.93 -21.63
C PRO B 146 19.20 8.38 -22.76
N GLU B 147 18.05 7.89 -22.33
CA GLU B 147 17.02 7.39 -23.21
C GLU B 147 16.50 8.62 -23.93
N PRO B 148 16.61 8.72 -25.22
CA PRO B 148 16.34 7.69 -26.21
C PRO B 148 17.56 7.06 -26.87
N VAL B 149 17.24 6.10 -27.74
CA VAL B 149 18.18 5.40 -28.61
C VAL B 149 17.31 4.86 -29.75
N THR B 150 17.83 4.92 -30.96
CA THR B 150 17.06 4.50 -32.13
C THR B 150 17.76 3.36 -32.85
N VAL B 151 16.98 2.33 -33.22
CA VAL B 151 17.50 1.16 -33.91
C VAL B 151 16.78 1.00 -35.25
N SER B 152 17.56 0.85 -36.31
CA SER B 152 17.08 0.66 -37.66
C SER B 152 17.58 -0.70 -38.15
N TRP B 153 16.78 -1.38 -38.95
CA TRP B 153 17.18 -2.70 -39.45
C TRP B 153 17.43 -2.64 -40.95
N ASN B 154 18.62 -3.08 -41.36
CA ASN B 154 19.07 -3.07 -42.76
C ASN B 154 19.07 -1.66 -43.35
N SER B 155 19.56 -0.70 -42.56
CA SER B 155 19.69 0.70 -42.97
C SER B 155 18.33 1.35 -43.24
N GLY B 156 17.29 0.88 -42.56
CA GLY B 156 15.95 1.41 -42.73
C GLY B 156 15.09 0.67 -43.72
N ALA B 157 15.63 -0.33 -44.41
CA ALA B 157 14.85 -1.07 -45.38
C ALA B 157 13.95 -2.11 -44.71
N LEU B 158 14.51 -2.92 -43.81
CA LEU B 158 13.74 -3.96 -43.14
C LEU B 158 12.80 -3.39 -42.09
N THR B 159 11.54 -3.82 -42.15
CA THR B 159 10.51 -3.42 -41.19
C THR B 159 9.54 -4.55 -40.89
N SER B 160 9.75 -5.74 -41.44
CA SER B 160 8.85 -6.88 -41.26
C SER B 160 8.67 -7.44 -39.86
N GLY B 161 9.70 -8.08 -39.32
CA GLY B 161 9.57 -8.67 -38.00
C GLY B 161 10.22 -7.89 -36.87
N VAL B 162 10.53 -6.63 -37.14
CA VAL B 162 11.18 -5.80 -36.14
C VAL B 162 10.29 -5.61 -34.92
N HIS B 163 10.90 -5.74 -33.74
CA HIS B 163 10.21 -5.54 -32.46
C HIS B 163 11.30 -5.02 -31.52
N THR B 164 11.39 -3.69 -31.40
CA THR B 164 12.38 -3.05 -30.54
C THR B 164 11.76 -2.94 -29.15
N PHE B 165 12.24 -3.80 -28.24
CA PHE B 165 11.75 -3.84 -26.87
C PHE B 165 12.23 -2.63 -26.06
N PRO B 166 11.48 -2.23 -25.04
CA PRO B 166 11.92 -1.10 -24.20
C PRO B 166 13.14 -1.50 -23.40
N ALA B 167 13.91 -0.49 -22.99
CA ALA B 167 15.15 -0.73 -22.27
C ALA B 167 15.00 -0.71 -20.76
N VAL B 168 15.75 -1.60 -20.11
CA VAL B 168 15.80 -1.66 -18.65
C VAL B 168 16.75 -0.59 -18.16
N LEU B 169 16.64 -0.26 -16.88
CA LEU B 169 17.56 0.71 -16.26
C LEU B 169 18.36 -0.14 -15.31
N GLN B 170 19.44 -0.73 -15.82
CA GLN B 170 20.31 -1.60 -15.05
C GLN B 170 20.73 -0.96 -13.73
N SER B 171 21.16 -1.80 -12.79
CA SER B 171 21.58 -1.29 -11.48
C SER B 171 22.66 -0.23 -11.61
N SER B 172 23.48 -0.30 -12.66
CA SER B 172 24.56 0.64 -12.92
C SER B 172 24.08 1.97 -13.38
N GLY B 173 22.79 2.30 -13.32
CA GLY B 173 22.36 3.60 -13.80
C GLY B 173 22.49 3.77 -15.30
N LEU B 174 22.74 2.67 -16.02
CA LEU B 174 22.89 2.67 -17.47
C LEU B 174 21.78 1.84 -18.10
N TYR B 175 21.14 2.39 -19.12
CA TYR B 175 20.06 1.68 -19.80
C TYR B 175 20.61 0.61 -20.72
N SER B 176 19.71 -0.24 -21.21
CA SER B 176 20.08 -1.31 -22.13
C SER B 176 18.85 -1.97 -22.74
N LEU B 177 18.78 -2.05 -24.07
CA LEU B 177 17.64 -2.69 -24.73
C LEU B 177 18.10 -3.66 -25.81
N SER B 178 17.14 -4.20 -26.54
CA SER B 178 17.46 -5.13 -27.61
C SER B 178 16.29 -5.18 -28.56
N SER B 179 16.59 -5.28 -29.85
CA SER B 179 15.58 -5.35 -30.90
C SER B 179 15.83 -6.62 -31.69
N VAL B 180 14.77 -7.38 -31.94
CA VAL B 180 14.88 -8.63 -32.67
C VAL B 180 13.86 -8.66 -33.79
N VAL B 181 14.27 -9.25 -34.91
CA VAL B 181 13.44 -9.38 -36.09
C VAL B 181 13.26 -10.85 -36.41
N THR B 182 12.00 -11.25 -36.59
CA THR B 182 11.66 -12.63 -36.94
C THR B 182 11.74 -12.74 -38.46
N VAL B 183 12.62 -13.60 -38.94
CA VAL B 183 12.80 -13.75 -40.38
C VAL B 183 12.68 -15.22 -40.76
N PRO B 184 12.27 -15.53 -41.99
CA PRO B 184 12.12 -16.93 -42.40
C PRO B 184 13.40 -17.74 -42.21
N SER B 185 13.23 -18.98 -41.76
CA SER B 185 14.36 -19.87 -41.55
C SER B 185 15.15 -20.09 -42.84
N SER B 186 14.52 -19.88 -43.99
CA SER B 186 15.17 -20.03 -45.28
C SER B 186 15.90 -18.78 -45.73
N SER B 187 15.75 -17.68 -44.99
CA SER B 187 16.42 -16.42 -45.32
C SER B 187 17.82 -16.36 -44.73
N LEU B 188 18.03 -16.96 -43.56
CA LEU B 188 19.33 -16.95 -42.90
C LEU B 188 20.37 -17.66 -43.77
N GLY B 189 21.33 -16.90 -44.28
CA GLY B 189 22.37 -17.45 -45.12
C GLY B 189 22.62 -16.57 -46.33
N THR B 190 21.58 -15.91 -46.81
CA THR B 190 21.68 -15.02 -47.97
C THR B 190 21.43 -13.56 -47.60
N GLN B 191 20.35 -13.27 -46.86
CA GLN B 191 20.08 -11.89 -46.46
C GLN B 191 21.14 -11.44 -45.46
N THR B 192 21.54 -10.17 -45.54
CA THR B 192 22.61 -9.66 -44.68
C THR B 192 22.17 -9.40 -43.25
N TYR B 193 21.08 -8.65 -43.03
CA TYR B 193 20.54 -8.37 -41.69
C TYR B 193 21.52 -7.61 -40.79
N ILE B 194 21.68 -6.32 -41.08
CA ILE B 194 22.52 -5.44 -40.28
C ILE B 194 21.61 -4.51 -39.49
N CYS B 195 21.95 -4.29 -38.21
CA CYS B 195 21.18 -3.39 -37.36
C CYS B 195 21.91 -2.06 -37.26
N ASN B 196 21.13 -0.99 -37.16
CA ASN B 196 21.63 0.38 -37.14
C ASN B 196 21.26 1.02 -35.81
N VAL B 197 22.24 1.50 -35.06
CA VAL B 197 21.98 2.12 -33.76
C VAL B 197 22.43 3.56 -33.78
N ASN B 198 21.56 4.47 -33.37
CA ASN B 198 21.87 5.90 -33.36
C ASN B 198 21.50 6.49 -32.00
N HIS B 199 22.51 6.78 -31.18
CA HIS B 199 22.31 7.37 -29.86
C HIS B 199 22.65 8.85 -30.01
N LYS B 200 21.66 9.62 -30.51
CA LYS B 200 21.86 11.06 -30.74
C LYS B 200 22.38 11.82 -29.53
N PRO B 201 21.97 11.55 -28.29
CA PRO B 201 22.54 12.30 -27.15
C PRO B 201 24.05 12.21 -27.05
N SER B 202 24.67 11.26 -27.72
CA SER B 202 26.12 11.15 -27.74
C SER B 202 26.65 11.08 -29.16
N ASN B 203 25.77 11.13 -30.16
CA ASN B 203 26.08 11.07 -31.59
C ASN B 203 27.07 9.95 -31.90
N THR B 204 26.76 8.77 -31.37
CA THR B 204 27.55 7.56 -31.57
C THR B 204 26.66 6.60 -32.33
N LYS B 205 26.83 6.55 -33.65
CA LYS B 205 26.05 5.67 -34.52
C LYS B 205 26.86 4.40 -34.74
N VAL B 206 26.28 3.27 -34.37
CA VAL B 206 26.93 1.98 -34.50
C VAL B 206 26.06 1.03 -35.29
N ASP B 207 26.64 0.42 -36.32
CA ASP B 207 25.97 -0.57 -37.17
C ASP B 207 26.59 -1.92 -36.82
N LYS B 208 25.77 -2.97 -36.75
CA LYS B 208 26.29 -4.30 -36.40
C LYS B 208 25.69 -5.37 -37.28
N ARG B 209 26.55 -6.21 -37.86
CA ARG B 209 26.11 -7.31 -38.71
C ARG B 209 25.75 -8.51 -37.84
N VAL B 210 24.62 -9.14 -38.15
CA VAL B 210 24.16 -10.31 -37.40
C VAL B 210 24.22 -11.52 -38.33
N GLU B 211 24.87 -12.58 -37.88
CA GLU B 211 25.02 -13.79 -38.67
C GLU B 211 24.72 -15.03 -37.84
N PRO B 212 24.36 -16.15 -38.50
CA PRO B 212 24.06 -17.44 -37.86
C PRO B 212 25.31 -18.17 -37.36
N ASN C 1 6.18 -3.88 12.02
CA ASN C 1 6.26 -4.82 10.90
C ASN C 1 4.88 -5.16 10.37
N PHE C 2 4.05 -4.14 10.15
CA PHE C 2 2.68 -4.31 9.65
C PHE C 2 2.61 -3.93 8.17
N MET C 3 2.63 -4.95 7.31
CA MET C 3 2.53 -4.77 5.87
C MET C 3 1.10 -5.00 5.40
N LEU C 4 0.82 -4.57 4.18
CA LEU C 4 -0.46 -4.77 3.52
C LEU C 4 -0.17 -5.56 2.26
N THR C 5 -0.84 -6.69 2.10
CA THR C 5 -0.62 -7.55 0.95
C THR C 5 -1.81 -7.44 0.00
N GLN C 6 -1.51 -7.54 -1.29
CA GLN C 6 -2.53 -7.38 -2.30
C GLN C 6 -2.17 -8.18 -3.54
N PRO C 7 -3.14 -8.80 -4.21
CA PRO C 7 -2.80 -9.59 -5.41
C PRO C 7 -2.25 -8.73 -6.54
N HIS C 8 -1.54 -9.38 -7.46
CA HIS C 8 -0.92 -8.64 -8.56
C HIS C 8 -1.94 -8.20 -9.61
N SER C 9 -2.64 -9.13 -10.24
CA SER C 9 -3.61 -8.73 -11.25
C SER C 9 -4.88 -9.56 -11.16
N VAL C 10 -6.00 -8.90 -11.44
CA VAL C 10 -7.33 -9.50 -11.48
C VAL C 10 -7.96 -9.04 -12.79
N SER C 11 -8.54 -9.98 -13.52
CA SER C 11 -9.13 -9.66 -14.80
C SER C 11 -10.58 -10.13 -14.85
N GLU C 12 -11.44 -9.28 -15.40
CA GLU C 12 -12.85 -9.60 -15.55
C GLU C 12 -13.38 -8.93 -16.81
N SER C 13 -14.53 -9.42 -17.28
CA SER C 13 -15.15 -8.90 -18.49
C SER C 13 -15.88 -7.58 -18.22
N PRO C 14 -16.22 -6.81 -19.28
CA PRO C 14 -16.89 -5.51 -19.11
C PRO C 14 -18.10 -5.43 -18.19
N GLY C 15 -19.15 -6.22 -18.40
CA GLY C 15 -20.32 -6.10 -17.55
C GLY C 15 -20.25 -6.76 -16.19
N LYS C 16 -19.39 -7.77 -16.02
CA LYS C 16 -19.30 -8.51 -14.76
C LYS C 16 -18.77 -7.69 -13.59
N THR C 17 -18.65 -8.35 -12.44
CA THR C 17 -18.17 -7.73 -11.21
C THR C 17 -16.92 -8.47 -10.73
N VAL C 18 -15.95 -7.70 -10.23
CA VAL C 18 -14.69 -8.21 -9.75
C VAL C 18 -14.42 -7.68 -8.34
N THR C 19 -13.64 -8.44 -7.58
CA THR C 19 -13.29 -8.11 -6.20
C THR C 19 -11.78 -8.14 -5.99
N ILE C 20 -11.25 -7.08 -5.37
CA ILE C 20 -9.83 -6.94 -5.08
C ILE C 20 -9.64 -7.08 -3.57
N SER C 21 -8.73 -7.96 -3.16
CA SER C 21 -8.46 -8.20 -1.74
C SER C 21 -7.26 -7.42 -1.24
N CYS C 22 -7.24 -7.20 0.08
CA CYS C 22 -6.17 -6.47 0.76
C CYS C 22 -6.03 -7.07 2.15
N THR C 23 -5.08 -8.00 2.33
CA THR C 23 -4.90 -8.65 3.62
C THR C 23 -3.82 -7.95 4.45
N GLY C 24 -3.98 -8.03 5.77
CA GLY C 24 -3.04 -7.43 6.68
C GLY C 24 -2.12 -8.46 7.30
N SER C 25 -0.81 -8.16 7.27
CA SER C 25 0.23 -8.99 7.84
C SER C 25 0.28 -8.70 9.33
N SER C 26 1.40 -9.00 10.00
CA SER C 26 1.50 -8.77 11.44
C SER C 26 0.93 -7.41 11.76
N GLY C 27 -0.21 -7.41 12.41
CA GLY C 27 -0.97 -6.23 12.75
C GLY C 27 -2.44 -6.60 12.62
N SER C 28 -3.32 -5.61 12.41
CA SER C 28 -4.73 -5.99 12.30
C SER C 28 -5.57 -4.96 11.58
N ILE C 29 -6.03 -5.30 10.36
CA ILE C 29 -6.94 -4.41 9.67
C ILE C 29 -8.25 -4.42 10.47
N ALA C 30 -9.11 -3.46 10.19
CA ALA C 30 -10.38 -3.20 10.85
C ALA C 30 -10.14 -2.48 12.16
N SER C 31 -8.88 -2.29 12.56
CA SER C 31 -8.58 -1.52 13.76
C SER C 31 -8.40 -0.07 13.38
N ASN C 32 -8.34 0.21 12.07
CA ASN C 32 -8.20 1.54 11.52
C ASN C 32 -8.90 1.58 10.17
N TYR C 33 -9.22 2.80 9.76
CA TYR C 33 -9.90 3.04 8.49
C TYR C 33 -9.05 2.56 7.31
N VAL C 34 -9.74 2.25 6.21
CA VAL C 34 -9.11 1.74 4.99
C VAL C 34 -9.49 2.61 3.81
N GLN C 35 -8.51 2.91 2.96
CA GLN C 35 -8.71 3.69 1.75
C GLN C 35 -8.32 2.86 0.54
N TRP C 36 -8.87 3.25 -0.61
CA TRP C 36 -8.59 2.60 -1.89
C TRP C 36 -8.35 3.72 -2.90
N TYR C 37 -7.15 3.76 -3.46
CA TYR C 37 -6.80 4.79 -4.44
C TYR C 37 -6.71 4.16 -5.82
N GLN C 38 -7.37 4.80 -6.79
CA GLN C 38 -7.35 4.35 -8.18
C GLN C 38 -6.27 5.15 -8.88
N GLN C 39 -5.42 4.48 -9.64
CA GLN C 39 -4.35 5.15 -10.36
C GLN C 39 -4.32 4.69 -11.80
N ARG C 40 -4.89 5.48 -12.70
CA ARG C 40 -4.82 5.13 -14.10
C ARG C 40 -3.38 5.33 -14.57
N PRO C 41 -2.96 4.59 -15.60
CA PRO C 41 -1.55 4.70 -16.05
C PRO C 41 -1.14 6.14 -16.34
N GLY C 42 0.03 6.51 -15.84
CA GLY C 42 0.59 7.83 -16.02
C GLY C 42 -0.14 8.97 -15.37
N SER C 43 -1.04 8.70 -14.43
CA SER C 43 -1.80 9.75 -13.76
C SER C 43 -1.66 9.64 -12.25
N ALA C 44 -1.95 10.75 -11.58
CA ALA C 44 -1.90 10.75 -10.14
C ALA C 44 -3.09 9.98 -9.60
N PRO C 45 -2.98 9.42 -8.41
CA PRO C 45 -4.10 8.64 -7.85
C PRO C 45 -5.28 9.51 -7.42
N THR C 46 -6.46 8.90 -7.48
CA THR C 46 -7.71 9.49 -7.07
C THR C 46 -8.31 8.56 -6.03
N THR C 47 -9.09 9.13 -5.10
CA THR C 47 -9.68 8.34 -4.02
C THR C 47 -11.05 7.82 -4.42
N VAL C 48 -11.22 6.50 -4.40
CA VAL C 48 -12.51 5.90 -4.76
C VAL C 48 -13.24 5.43 -3.52
N ILE C 49 -12.51 5.01 -2.49
CA ILE C 49 -13.11 4.55 -1.24
C ILE C 49 -12.29 5.06 -0.07
N TYR C 50 -12.95 5.72 0.88
CA TYR C 50 -12.31 6.25 2.06
C TYR C 50 -13.15 5.87 3.28
N GLU C 51 -12.47 5.56 4.38
CA GLU C 51 -13.12 5.18 5.65
C GLU C 51 -13.85 3.85 5.55
N ASP C 52 -13.21 2.88 4.88
CA ASP C 52 -13.62 1.50 4.66
C ASP C 52 -14.80 1.26 3.71
N ASN C 53 -15.69 2.23 3.56
CA ASN C 53 -16.82 1.96 2.66
C ASN C 53 -17.45 3.18 2.04
N GLN C 54 -16.94 4.38 2.26
CA GLN C 54 -17.56 5.58 1.74
C GLN C 54 -16.89 6.03 0.45
N ARG C 55 -17.70 6.25 -0.57
CA ARG C 55 -17.24 6.73 -1.86
C ARG C 55 -17.31 8.26 -1.86
N PRO C 56 -16.26 8.97 -2.26
CA PRO C 56 -16.31 10.43 -2.26
C PRO C 56 -17.36 10.96 -3.24
N SER C 57 -17.54 12.28 -3.19
CA SER C 57 -18.50 12.91 -4.08
C SER C 57 -18.04 12.77 -5.52
N GLY C 58 -18.86 12.12 -6.35
CA GLY C 58 -18.56 11.90 -7.75
C GLY C 58 -18.21 10.48 -8.11
N VAL C 59 -17.74 9.69 -7.15
CA VAL C 59 -17.40 8.29 -7.45
C VAL C 59 -18.68 7.51 -7.70
N PRO C 60 -18.78 6.74 -8.78
CA PRO C 60 -20.01 6.00 -9.08
C PRO C 60 -20.38 4.96 -8.03
N ASP C 61 -21.63 4.49 -8.13
CA ASP C 61 -22.15 3.47 -7.22
C ASP C 61 -21.46 2.13 -7.42
N ARG C 62 -20.81 1.96 -8.56
CA ARG C 62 -20.13 0.72 -8.91
C ARG C 62 -19.05 0.35 -7.91
N PHE C 63 -18.43 1.35 -7.28
CA PHE C 63 -17.36 1.11 -6.31
C PHE C 63 -17.94 0.97 -4.92
N SER C 64 -17.59 -0.12 -4.24
CA SER C 64 -18.08 -0.41 -2.91
C SER C 64 -16.93 -0.92 -2.05
N GLY C 65 -16.88 -0.47 -0.80
CA GLY C 65 -15.84 -0.86 0.14
C GLY C 65 -16.41 -1.76 1.22
N SER C 66 -15.70 -2.85 1.49
CA SER C 66 -16.07 -3.82 2.50
C SER C 66 -14.85 -4.12 3.36
N ILE C 67 -15.08 -4.37 4.64
CA ILE C 67 -14.00 -4.63 5.59
C ILE C 67 -14.34 -5.93 6.31
N ASP C 68 -13.83 -7.05 5.77
CA ASP C 68 -14.12 -8.38 6.30
C ASP C 68 -13.75 -8.50 7.78
N SER C 69 -14.74 -8.92 8.57
CA SER C 69 -14.60 -9.12 9.99
C SER C 69 -13.99 -10.48 10.33
N SER C 70 -13.83 -11.35 9.33
CA SER C 70 -13.28 -12.68 9.57
C SER C 70 -11.83 -12.87 9.13
N SER C 71 -11.54 -12.71 7.86
CA SER C 71 -10.20 -12.96 7.38
C SER C 71 -9.23 -11.80 7.57
N ASN C 72 -9.56 -10.77 8.35
CA ASN C 72 -8.66 -9.64 8.56
C ASN C 72 -8.20 -9.05 7.22
N SER C 73 -9.17 -8.57 6.45
CA SER C 73 -8.84 -8.01 5.15
C SER C 73 -10.03 -7.27 4.57
N ALA C 74 -9.76 -6.16 3.90
CA ALA C 74 -10.79 -5.36 3.24
C ALA C 74 -10.80 -5.69 1.76
N SER C 75 -11.97 -5.57 1.12
CA SER C 75 -12.06 -5.90 -0.29
C SER C 75 -12.85 -4.86 -1.06
N LEU C 76 -12.30 -4.45 -2.21
CA LEU C 76 -12.93 -3.47 -3.10
C LEU C 76 -13.63 -4.24 -4.22
N THR C 77 -14.90 -3.92 -4.42
CA THR C 77 -15.70 -4.60 -5.43
C THR C 77 -16.29 -3.61 -6.42
N ILE C 78 -15.77 -3.63 -7.64
CA ILE C 78 -16.25 -2.74 -8.70
C ILE C 78 -17.31 -3.54 -9.45
N SER C 79 -18.58 -3.23 -9.19
CA SER C 79 -19.70 -3.93 -9.80
C SER C 79 -20.12 -3.24 -11.10
N GLY C 80 -20.54 -4.04 -12.07
CA GLY C 80 -20.95 -3.49 -13.34
C GLY C 80 -19.82 -2.71 -13.96
N LEU C 81 -18.68 -3.39 -14.05
CA LEU C 81 -17.40 -2.89 -14.54
C LEU C 81 -17.51 -2.06 -15.82
N LYS C 82 -16.58 -1.13 -15.98
CA LYS C 82 -16.51 -0.26 -17.14
C LYS C 82 -15.07 -0.28 -17.63
N THR C 83 -14.88 -0.22 -18.95
CA THR C 83 -13.54 -0.23 -19.52
C THR C 83 -12.66 0.87 -18.95
N GLU C 84 -13.26 2.01 -18.61
CA GLU C 84 -12.51 3.12 -18.03
C GLU C 84 -11.95 2.77 -16.66
N ASP C 85 -12.47 1.73 -16.00
CA ASP C 85 -11.99 1.37 -14.68
C ASP C 85 -10.66 0.63 -14.69
N GLU C 86 -10.16 0.22 -15.85
CA GLU C 86 -8.87 -0.46 -15.89
C GLU C 86 -7.83 0.48 -15.30
N ALA C 87 -7.22 0.08 -14.18
CA ALA C 87 -6.21 0.91 -13.54
C ALA C 87 -5.46 0.07 -12.52
N ASP C 88 -4.67 0.76 -11.69
CA ASP C 88 -3.90 0.18 -10.60
C ASP C 88 -4.61 0.59 -9.33
N TYR C 89 -4.97 -0.39 -8.50
CA TYR C 89 -5.68 -0.08 -7.26
C TYR C 89 -4.79 -0.41 -6.07
N TYR C 90 -4.55 0.60 -5.25
CA TYR C 90 -3.72 0.49 -4.05
C TYR C 90 -4.60 0.69 -2.82
N CYS C 91 -4.37 -0.10 -1.77
CA CYS C 91 -5.11 0.05 -0.53
C CYS C 91 -4.15 0.60 0.52
N GLN C 92 -4.63 1.56 1.31
CA GLN C 92 -3.84 2.21 2.34
C GLN C 92 -4.62 2.26 3.65
N SER C 93 -3.86 2.36 4.75
CA SER C 93 -4.42 2.48 6.09
C SER C 93 -3.33 3.00 7.01
N TYR C 94 -3.60 2.99 8.32
CA TYR C 94 -2.66 3.46 9.33
C TYR C 94 -2.58 2.48 10.50
N ASP C 95 -1.41 2.47 11.13
CA ASP C 95 -1.12 1.60 12.26
C ASP C 95 -0.35 2.42 13.28
N SER C 96 -0.48 2.06 14.56
CA SER C 96 0.25 2.82 15.56
C SER C 96 1.77 2.61 15.41
N SER C 97 2.20 1.35 15.30
CA SER C 97 3.62 1.03 15.16
C SER C 97 4.18 1.59 13.87
N ASN C 98 3.80 1.01 12.73
CA ASN C 98 4.22 1.49 11.43
C ASN C 98 3.20 2.52 10.99
N LEU C 99 3.67 3.60 10.40
CA LEU C 99 2.76 4.66 10.01
C LEU C 99 2.02 4.31 8.72
N TRP C 100 1.44 5.30 8.04
CA TRP C 100 0.67 5.07 6.82
C TRP C 100 1.32 4.08 5.87
N VAL C 101 0.69 2.92 5.74
CA VAL C 101 1.15 1.82 4.89
C VAL C 101 0.24 1.68 3.69
N PHE C 102 0.83 1.30 2.56
CA PHE C 102 0.12 1.09 1.30
C PHE C 102 0.18 -0.38 0.92
N GLY C 103 -0.69 -0.75 0.00
CA GLY C 103 -0.72 -2.10 -0.50
C GLY C 103 0.24 -2.23 -1.66
N GLY C 104 0.43 -3.47 -2.10
CA GLY C 104 1.34 -3.62 -3.23
C GLY C 104 0.77 -3.18 -4.56
N GLY C 105 -0.53 -2.95 -4.62
CA GLY C 105 -1.21 -2.53 -5.84
C GLY C 105 -1.69 -3.73 -6.62
N THR C 106 -2.79 -3.53 -7.35
CA THR C 106 -3.39 -4.56 -8.18
C THR C 106 -3.71 -3.96 -9.54
N LYS C 107 -3.32 -4.66 -10.60
CA LYS C 107 -3.62 -4.18 -11.95
C LYS C 107 -4.93 -4.80 -12.40
N LEU C 108 -6.02 -4.07 -12.22
CA LEU C 108 -7.32 -4.53 -12.65
C LEU C 108 -7.42 -4.30 -14.15
N THR C 109 -7.51 -5.38 -14.92
CA THR C 109 -7.60 -5.31 -16.37
C THR C 109 -9.01 -5.68 -16.82
N VAL C 110 -9.67 -4.76 -17.52
CA VAL C 110 -11.01 -5.00 -18.05
C VAL C 110 -10.78 -5.66 -19.41
N LEU C 111 -10.91 -6.98 -19.45
CA LEU C 111 -10.68 -7.77 -20.66
C LEU C 111 -11.41 -7.20 -21.87
N GLY C 112 -10.63 -6.82 -22.89
CA GLY C 112 -11.15 -6.29 -24.12
C GLY C 112 -10.97 -7.30 -25.24
N GLN C 113 -10.08 -8.26 -25.01
CA GLN C 113 -9.77 -9.33 -25.94
C GLN C 113 -9.51 -10.59 -25.14
N PRO C 114 -9.56 -11.76 -25.78
CA PRO C 114 -9.34 -13.02 -25.05
C PRO C 114 -7.95 -13.09 -24.42
N LYS C 115 -7.88 -13.73 -23.26
CA LYS C 115 -6.61 -13.89 -22.56
C LYS C 115 -5.63 -14.64 -23.46
N ALA C 116 -4.37 -14.18 -23.48
CA ALA C 116 -3.37 -14.82 -24.32
C ALA C 116 -2.06 -14.99 -23.57
N ALA C 117 -1.54 -16.21 -23.56
CA ALA C 117 -0.28 -16.51 -22.91
C ALA C 117 0.87 -15.87 -23.69
N PRO C 118 2.02 -15.66 -23.06
CA PRO C 118 3.14 -14.99 -23.74
C PRO C 118 4.08 -15.92 -24.49
N SER C 119 4.71 -15.34 -25.51
CA SER C 119 5.70 -16.01 -26.35
C SER C 119 7.06 -15.57 -25.81
N VAL C 120 7.83 -16.52 -25.28
CA VAL C 120 9.12 -16.22 -24.68
C VAL C 120 10.25 -16.73 -25.56
N THR C 121 11.21 -15.83 -25.84
CA THR C 121 12.39 -16.14 -26.64
C THR C 121 13.61 -15.78 -25.81
N LEU C 122 14.49 -16.76 -25.60
CA LEU C 122 15.71 -16.58 -24.81
C LEU C 122 16.94 -16.68 -25.68
N PHE C 123 17.89 -15.76 -25.45
CA PHE C 123 19.15 -15.70 -26.19
C PHE C 123 20.33 -15.89 -25.25
N PRO C 124 21.27 -16.76 -25.58
CA PRO C 124 22.44 -16.94 -24.74
C PRO C 124 23.44 -15.84 -25.01
N PRO C 125 24.45 -15.66 -24.16
CA PRO C 125 25.44 -14.61 -24.40
C PRO C 125 26.11 -14.80 -25.75
N SER C 126 26.30 -13.69 -26.44
CA SER C 126 26.92 -13.71 -27.75
C SER C 126 28.39 -14.09 -27.64
N SER C 127 28.90 -14.75 -28.69
CA SER C 127 30.30 -15.14 -28.69
C SER C 127 31.20 -13.93 -28.53
N GLU C 128 30.76 -12.77 -29.05
CA GLU C 128 31.55 -11.55 -28.96
C GLU C 128 31.48 -10.91 -27.58
N GLU C 129 30.36 -11.03 -26.88
CA GLU C 129 30.28 -10.48 -25.53
C GLU C 129 31.19 -11.24 -24.59
N LEU C 130 31.24 -12.58 -24.73
CA LEU C 130 32.10 -13.39 -23.89
C LEU C 130 33.56 -13.07 -24.13
N GLN C 131 33.93 -12.72 -25.37
CA GLN C 131 35.31 -12.34 -25.64
C GLN C 131 35.68 -11.06 -24.91
N ALA C 132 34.68 -10.27 -24.51
CA ALA C 132 34.85 -9.01 -23.82
C ALA C 132 34.80 -9.16 -22.30
N ASN C 133 34.75 -10.38 -21.79
CA ASN C 133 34.74 -10.67 -20.34
C ASN C 133 33.45 -10.23 -19.65
N LYS C 134 32.31 -10.46 -20.31
CA LYS C 134 30.98 -10.13 -19.77
C LYS C 134 29.97 -11.00 -20.49
N ALA C 135 28.92 -11.40 -19.77
CA ALA C 135 27.86 -12.23 -20.33
C ALA C 135 26.51 -11.70 -19.92
N THR C 136 25.53 -11.87 -20.81
CA THR C 136 24.18 -11.41 -20.54
C THR C 136 23.19 -12.29 -21.29
N LEU C 137 22.17 -12.77 -20.57
CA LEU C 137 21.11 -13.60 -21.13
C LEU C 137 19.91 -12.70 -21.41
N VAL C 138 19.34 -12.82 -22.60
CA VAL C 138 18.21 -12.01 -23.02
C VAL C 138 16.95 -12.88 -23.11
N CYS C 139 15.92 -12.50 -22.36
CA CYS C 139 14.63 -13.20 -22.33
C CYS C 139 13.59 -12.18 -22.78
N LEU C 140 13.11 -12.31 -24.02
CA LEU C 140 12.13 -11.39 -24.59
C LEU C 140 10.75 -12.01 -24.60
N ILE C 141 9.83 -11.41 -23.86
CA ILE C 141 8.45 -11.89 -23.73
C ILE C 141 7.56 -11.03 -24.60
N SER C 142 6.47 -11.60 -25.11
CA SER C 142 5.60 -10.82 -25.98
C SER C 142 4.21 -11.45 -26.14
N ASP C 143 3.33 -10.66 -26.75
CA ASP C 143 1.95 -11.03 -27.10
C ASP C 143 1.16 -11.66 -25.96
N PHE C 144 1.01 -10.92 -24.86
CA PHE C 144 0.24 -11.44 -23.74
C PHE C 144 -0.74 -10.39 -23.22
N TYR C 145 -1.93 -10.86 -22.82
CA TYR C 145 -3.03 -10.09 -22.28
C TYR C 145 -3.82 -10.95 -21.30
N PRO C 146 -3.77 -10.71 -20.03
CA PRO C 146 -3.76 -9.38 -19.43
C PRO C 146 -2.33 -8.86 -19.32
N GLY C 147 -2.16 -7.61 -18.92
CA GLY C 147 -0.83 -7.05 -18.84
C GLY C 147 0.01 -7.16 -17.59
N ALA C 148 0.39 -8.39 -17.23
CA ALA C 148 1.22 -8.59 -16.06
C ALA C 148 1.76 -10.02 -16.02
N VAL C 149 3.07 -10.15 -15.79
CA VAL C 149 3.75 -11.44 -15.68
C VAL C 149 4.80 -11.35 -14.59
N THR C 150 5.30 -12.51 -14.19
CA THR C 150 6.34 -12.63 -13.17
C THR C 150 7.47 -13.44 -13.78
N VAL C 151 8.69 -12.89 -13.73
CA VAL C 151 9.86 -13.53 -14.31
C VAL C 151 10.71 -14.14 -13.21
N ALA C 152 11.07 -15.40 -13.37
CA ALA C 152 11.89 -16.14 -12.42
C ALA C 152 13.01 -16.84 -13.20
N TRP C 153 14.24 -16.74 -12.69
CA TRP C 153 15.40 -17.35 -13.32
C TRP C 153 15.90 -18.53 -12.49
N LYS C 154 16.25 -19.62 -13.17
CA LYS C 154 16.73 -20.83 -12.52
C LYS C 154 18.11 -21.19 -13.05
N ALA C 155 19.09 -21.30 -12.15
CA ALA C 155 20.47 -21.67 -12.50
C ALA C 155 20.57 -23.18 -12.41
N ASP C 156 20.46 -23.86 -13.56
CA ASP C 156 20.50 -25.31 -13.61
C ASP C 156 19.41 -25.88 -12.70
N SER C 157 18.22 -25.28 -12.80
CA SER C 157 17.05 -25.64 -12.00
C SER C 157 17.33 -25.39 -10.51
N SER C 158 17.66 -24.13 -10.21
CA SER C 158 17.97 -23.66 -8.87
C SER C 158 17.75 -22.15 -8.85
N PRO C 159 17.36 -21.57 -7.71
CA PRO C 159 17.09 -20.12 -7.66
C PRO C 159 18.28 -19.24 -8.06
N VAL C 160 17.95 -18.13 -8.71
CA VAL C 160 18.93 -17.13 -9.17
C VAL C 160 18.51 -15.81 -8.51
N LYS C 161 19.10 -15.53 -7.35
CA LYS C 161 18.77 -14.36 -6.55
C LYS C 161 19.03 -12.99 -7.18
N ALA C 162 20.30 -12.64 -7.41
CA ALA C 162 20.67 -11.33 -7.96
C ALA C 162 21.14 -11.43 -9.41
N GLY C 163 21.46 -10.27 -9.97
CA GLY C 163 21.90 -10.14 -11.35
C GLY C 163 20.79 -10.04 -12.37
N VAL C 164 19.52 -10.07 -11.94
CA VAL C 164 18.37 -10.00 -12.82
C VAL C 164 17.91 -8.56 -13.01
N GLU C 165 17.52 -8.24 -14.24
CA GLU C 165 17.02 -6.93 -14.64
C GLU C 165 15.75 -7.20 -15.44
N THR C 166 14.61 -6.64 -15.03
CA THR C 166 13.38 -6.91 -15.76
C THR C 166 12.52 -5.67 -15.95
N THR C 167 12.07 -5.46 -17.19
CA THR C 167 11.22 -4.34 -17.58
C THR C 167 9.80 -4.45 -17.06
N THR C 168 9.11 -3.36 -17.11
CA THR C 168 7.71 -3.26 -16.77
C THR C 168 6.92 -3.45 -18.06
N PRO C 169 5.86 -4.26 -18.08
CA PRO C 169 5.14 -4.48 -19.34
C PRO C 169 4.65 -3.18 -19.97
N SER C 170 4.80 -3.10 -21.29
CA SER C 170 4.39 -1.97 -22.10
C SER C 170 3.40 -2.46 -23.15
N LYS C 171 2.59 -1.56 -23.69
CA LYS C 171 1.59 -1.95 -24.68
C LYS C 171 2.17 -2.12 -26.08
N GLN C 172 1.77 -3.19 -26.74
CA GLN C 172 2.18 -3.44 -28.11
C GLN C 172 1.19 -2.72 -29.02
N SER C 173 1.39 -2.86 -30.33
CA SER C 173 0.46 -2.22 -31.26
C SER C 173 -0.90 -2.90 -31.27
N ASN C 174 -0.91 -4.22 -31.07
CA ASN C 174 -2.13 -5.01 -31.07
C ASN C 174 -2.80 -5.13 -29.70
N ASN C 175 -2.60 -4.15 -28.82
CA ASN C 175 -3.20 -4.12 -27.49
C ASN C 175 -2.66 -5.19 -26.53
N LYS C 176 -1.81 -6.10 -27.02
CA LYS C 176 -1.21 -7.08 -26.14
C LYS C 176 0.02 -6.45 -25.51
N TYR C 177 0.57 -7.04 -24.44
CA TYR C 177 1.73 -6.36 -23.88
C TYR C 177 2.99 -7.21 -24.11
N ALA C 178 4.13 -6.64 -23.71
CA ALA C 178 5.42 -7.30 -23.86
C ALA C 178 6.43 -6.64 -22.93
N ALA C 179 7.40 -7.43 -22.49
CA ALA C 179 8.46 -6.94 -21.61
C ALA C 179 9.66 -7.87 -21.76
N SER C 180 10.84 -7.39 -21.36
CA SER C 180 12.07 -8.16 -21.47
C SER C 180 12.73 -8.35 -20.10
N SER C 181 13.52 -9.41 -20.00
CA SER C 181 14.23 -9.74 -18.76
C SER C 181 15.66 -10.11 -19.11
N TYR C 182 16.62 -9.41 -18.51
CA TYR C 182 18.04 -9.62 -18.74
C TYR C 182 18.71 -10.15 -17.49
N LEU C 183 19.52 -11.20 -17.64
CA LEU C 183 20.25 -11.82 -16.54
C LEU C 183 21.73 -11.55 -16.71
N SER C 184 22.31 -10.78 -15.79
CA SER C 184 23.74 -10.48 -15.82
C SER C 184 24.51 -11.71 -15.35
N LEU C 185 25.77 -11.81 -15.76
CA LEU C 185 26.56 -12.98 -15.44
C LEU C 185 28.04 -12.69 -15.72
N THR C 186 28.88 -13.71 -15.57
CA THR C 186 30.31 -13.72 -15.83
C THR C 186 30.61 -14.95 -16.67
N PRO C 187 31.70 -14.92 -17.46
CA PRO C 187 32.01 -16.08 -18.33
C PRO C 187 32.15 -17.41 -17.60
N GLU C 188 32.72 -17.42 -16.40
CA GLU C 188 32.89 -18.68 -15.67
C GLU C 188 31.55 -19.32 -15.37
N GLN C 189 30.59 -18.52 -14.87
CA GLN C 189 29.28 -19.06 -14.52
C GLN C 189 28.50 -19.56 -15.73
N TRP C 190 28.74 -18.97 -16.91
CA TRP C 190 27.96 -19.36 -18.08
C TRP C 190 28.21 -20.82 -18.48
N LYS C 191 29.47 -21.22 -18.62
CA LYS C 191 29.77 -22.58 -19.02
C LYS C 191 29.84 -23.57 -17.86
N SER C 192 29.71 -23.09 -16.62
CA SER C 192 29.79 -23.97 -15.45
C SER C 192 28.54 -24.85 -15.30
N HIS C 193 27.36 -24.25 -15.42
CA HIS C 193 26.12 -25.00 -15.23
C HIS C 193 25.65 -25.62 -16.53
N ARG C 194 24.85 -26.67 -16.38
CA ARG C 194 24.33 -27.39 -17.54
C ARG C 194 23.42 -26.51 -18.39
N SER C 195 22.57 -25.70 -17.75
CA SER C 195 21.66 -24.85 -18.50
C SER C 195 20.95 -23.86 -17.59
N TYR C 196 20.60 -22.70 -18.15
CA TYR C 196 19.88 -21.64 -17.43
C TYR C 196 18.44 -21.54 -17.94
N SER C 197 17.50 -21.44 -17.00
CA SER C 197 16.08 -21.35 -17.31
C SER C 197 15.54 -19.94 -17.11
N CYS C 198 14.49 -19.62 -17.86
CA CYS C 198 13.77 -18.35 -17.79
C CYS C 198 12.28 -18.70 -17.65
N GLN C 199 11.73 -18.50 -16.46
CA GLN C 199 10.34 -18.85 -16.17
C GLN C 199 9.48 -17.59 -16.12
N VAL C 200 8.40 -17.59 -16.90
CA VAL C 200 7.47 -16.47 -16.99
C VAL C 200 6.09 -16.93 -16.55
N THR C 201 5.60 -16.35 -15.46
CA THR C 201 4.29 -16.66 -14.94
C THR C 201 3.26 -15.68 -15.50
N HIS C 202 2.16 -16.20 -16.02
CA HIS C 202 1.14 -15.33 -16.61
C HIS C 202 -0.25 -15.93 -16.36
N GLU C 203 -1.04 -15.26 -15.53
CA GLU C 203 -2.40 -15.68 -15.18
C GLU C 203 -2.44 -17.19 -14.89
N GLY C 204 -1.61 -17.59 -13.94
CA GLY C 204 -1.52 -18.98 -13.54
C GLY C 204 -0.46 -19.77 -14.29
N SER C 205 -0.69 -20.00 -15.59
CA SER C 205 0.25 -20.78 -16.39
C SER C 205 1.62 -20.13 -16.44
N THR C 206 2.66 -20.98 -16.44
CA THR C 206 4.05 -20.54 -16.48
C THR C 206 4.74 -21.15 -17.69
N VAL C 207 5.39 -20.29 -18.51
CA VAL C 207 6.13 -20.70 -19.69
C VAL C 207 7.62 -20.64 -19.35
N GLU C 208 8.40 -21.56 -19.93
CA GLU C 208 9.82 -21.61 -19.63
C GLU C 208 10.65 -21.86 -20.89
N LYS C 209 11.89 -21.37 -20.85
CA LYS C 209 12.87 -21.49 -21.91
C LYS C 209 14.24 -21.66 -21.26
N THR C 210 15.07 -22.53 -21.84
CA THR C 210 16.39 -22.82 -21.28
C THR C 210 17.44 -22.91 -22.38
N VAL C 211 18.68 -22.53 -22.02
CA VAL C 211 19.82 -22.53 -22.94
C VAL C 211 21.04 -23.18 -22.31
N ALA C 212 21.82 -23.90 -23.14
CA ALA C 212 23.04 -24.62 -22.77
C ALA C 212 24.25 -23.92 -23.40
N PRO C 213 25.30 -23.66 -22.61
CA PRO C 213 26.47 -22.93 -23.13
C PRO C 213 27.33 -23.55 -24.22
N THR C 214 27.91 -24.72 -23.97
CA THR C 214 28.82 -25.35 -24.93
C THR C 214 28.19 -25.52 -26.30
N GLU C 215 29.05 -25.45 -27.32
CA GLU C 215 28.64 -25.59 -28.72
C GLU C 215 29.75 -26.26 -29.53
C1 NAG D . -3.69 14.66 27.43
C2 NAG D . -3.08 16.05 27.60
C3 NAG D . -2.49 16.53 26.26
C4 NAG D . -1.50 15.50 25.73
C5 NAG D . -2.18 14.14 25.63
C6 NAG D . -1.24 13.04 25.18
C7 NAG D . -3.87 17.75 29.17
C8 NAG D . -4.99 18.69 29.54
N2 NAG D . -4.06 17.00 28.09
O3 NAG D . -1.85 17.79 26.45
O4 NAG D . -1.03 15.90 24.45
O5 NAG D . -2.70 13.76 26.90
O6 NAG D . 0.03 13.15 25.82
O7 NAG D . -2.84 17.69 29.84
C1 NAG D . 0.36 16.29 24.53
C2 NAG D . 1.03 16.05 23.17
C3 NAG D . 2.50 16.49 23.21
C4 NAG D . 2.60 17.94 23.70
C5 NAG D . 1.87 18.11 25.03
C6 NAG D . 1.83 19.54 25.50
C7 NAG D . 0.51 14.27 21.56
C8 NAG D . 0.47 12.79 21.32
N2 NAG D . 0.93 14.66 22.78
O3 NAG D . 3.07 16.38 21.92
O4 NAG D . 3.97 18.29 23.87
O5 NAG D . 0.50 17.67 24.90
O6 NAG D . 1.87 19.62 26.92
O7 NAG D . 0.18 15.07 20.71
#